data_5B46
#
_entry.id   5B46
#
_cell.length_a   101.889
_cell.length_b   205.048
_cell.length_c   126.988
_cell.angle_alpha   90.00
_cell.angle_beta   90.00
_cell.angle_gamma   90.00
#
_symmetry.space_group_name_H-M   'C 2 2 21'
#
loop_
_entity.id
_entity.type
_entity.pdbx_description
1 polymer '2-oxoacid--ferredoxin oxidoreductase alpha subunit'
2 polymer '2-oxoacid--ferredoxin oxidoreductase beta subunit'
3 non-polymer 'IRON/SULFUR CLUSTER'
4 non-polymer 'THIAMINE DIPHOSPHATE'
5 non-polymer 'MAGNESIUM ION'
6 water water
#
loop_
_entity_poly.entity_id
_entity_poly.type
_entity_poly.pdbx_seq_one_letter_code
_entity_poly.pdbx_strand_id
1 'polypeptide(L)'
;MTRIVWMIGGAQGLGVDTSANIFGNAVAKAGYYLFGNREYYSNIKGRHSYFEVVISEKPIRSLSSYVNILASFDAETVFQ
HFTETKEYLIYNVEYENTTVDLVKSMEPEMAEQVKEALSKERLGFTIKDVLEYLKRRGVKVIGFNYTELIKKIADTFKVP
MSVVERAKNMIAVGASYGLLGLKFDYLKDAISSTFKNELFIKFNTMAAELGYNSVPNVYKLQEYKIEKQRIQVDGNTISA
MGKLAGGLRFQSYYPITPASDESVYIEANQNLDMIVEGNELRKGGVVVVQAEDELAAINMAVGAALTGVRSATATSGPGF
SLMSEGISWAGMNEVPVVITYYMRGAPATGLPTRSGQADLKFALNVGHGEFPRIVIASGDHVEIFWDAIWALNLAEKYQT
PVIHIIEKTLANAYSVFEEELITNRPYVIERGKIVKPTSDYFNRFEVTEDGISPRVFLGQASIFYTGDEHNEEGHITENS
INRMKMYEKRNKKLETADKEIPEEQRVNIVGDADIVLLTWGSPKGAILDAMEELSKDGIKTMMVQVKMFNPYPKNLMKKI
LSGKSKIIAVENNYNAQGAEVLAEKTGIFATNYILKWTGRPITREEVIEGIKKILERDEKRVVLYGGA
;
A
2 'polypeptide(L)'
;MVERKPVFVDWCPGCGDFGILRAEEMAIRELGINPKSVVIVSGIGCSGKIPHFMNLPISGVHTLHGRSIAFATGIKLSNP
SLEVIVNVGDGDGLGIGMGHFVHLGRRNIDIAVLVHNNGVYGLTKGQASPTLHRGEKTKSLPKPNIMDAVNPLAVALAAG
YTFVARGYAYDVMHLKELIKKAILHKGSALVDILQPCPTYNDINTKEWYDKRVYKLDNVPGWDPVVRKEEEAQKKFEQAI
MKSYEWGEKIPIGIFYQNELVPTFEDRLTSNIPNYREYYPAKQQIEINGISTTKIDELIKAKRI
;
B
#
loop_
_chem_comp.id
_chem_comp.type
_chem_comp.name
_chem_comp.formula
MG non-polymer 'MAGNESIUM ION' 'Mg 2'
SF4 non-polymer 'IRON/SULFUR CLUSTER' 'Fe4 S4'
TPP non-polymer 'THIAMINE DIPHOSPHATE' 'C12 H19 N4 O7 P2 S 1'
#
# COMPACT_ATOMS: atom_id res chain seq x y z
N THR A 2 8.81 -11.90 31.57
CA THR A 2 9.95 -11.68 30.60
C THR A 2 9.45 -10.88 29.37
N ARG A 3 10.37 -10.15 28.79
CA ARG A 3 10.16 -9.37 27.59
C ARG A 3 11.48 -9.35 26.85
N ILE A 4 11.57 -10.17 25.80
CA ILE A 4 12.78 -10.23 25.00
C ILE A 4 12.45 -9.81 23.58
N VAL A 5 13.23 -8.92 23.05
CA VAL A 5 13.09 -8.44 21.68
C VAL A 5 14.11 -9.06 20.78
N TRP A 6 13.60 -9.86 19.82
CA TRP A 6 14.42 -10.53 18.80
C TRP A 6 14.21 -9.78 17.50
N MET A 7 15.27 -9.63 16.72
CA MET A 7 15.12 -9.13 15.35
C MET A 7 16.05 -9.95 14.46
N ILE A 8 15.57 -10.26 13.24
CA ILE A 8 16.46 -10.73 12.10
C ILE A 8 16.19 -9.84 10.89
N GLY A 9 17.14 -9.79 10.01
CA GLY A 9 16.96 -8.97 8.81
C GLY A 9 17.76 -9.52 7.65
N GLY A 10 17.53 -8.97 6.48
CA GLY A 10 18.16 -9.45 5.27
C GLY A 10 17.51 -8.85 4.03
N ALA A 11 18.14 -9.07 2.90
CA ALA A 11 17.68 -8.53 1.63
C ALA A 11 16.34 -9.16 1.30
N GLN A 12 15.38 -8.31 0.87
CA GLN A 12 14.03 -8.80 0.41
C GLN A 12 14.29 -9.83 -0.70
N GLY A 13 13.50 -10.89 -0.71
CA GLY A 13 13.77 -11.99 -1.64
C GLY A 13 14.52 -13.18 -1.10
N LEU A 14 15.08 -13.09 0.09
CA LEU A 14 15.78 -14.24 0.72
C LEU A 14 14.95 -15.09 1.68
N GLY A 15 13.67 -14.79 1.82
CA GLY A 15 12.75 -15.61 2.65
C GLY A 15 13.00 -15.42 4.16
N VAL A 16 13.56 -14.26 4.52
CA VAL A 16 13.88 -13.97 5.91
C VAL A 16 12.58 -13.82 6.69
N ASP A 17 11.54 -13.24 6.07
CA ASP A 17 10.21 -13.23 6.70
C ASP A 17 9.77 -14.65 7.16
N THR A 18 10.05 -15.63 6.32
CA THR A 18 9.72 -17.01 6.64
C THR A 18 10.52 -17.55 7.83
N SER A 19 11.80 -17.21 7.84
CA SER A 19 12.66 -17.50 8.97
C SER A 19 12.14 -16.91 10.24
N ALA A 20 11.74 -15.64 10.22
CA ALA A 20 11.12 -15.03 11.40
C ALA A 20 9.89 -15.75 11.85
N ASN A 21 9.02 -16.09 10.91
CA ASN A 21 7.83 -16.90 11.23
C ASN A 21 8.13 -18.23 11.94
N ILE A 22 9.15 -18.93 11.49
CA ILE A 22 9.56 -20.23 12.08
C ILE A 22 10.05 -20.05 13.52
N PHE A 23 10.95 -19.07 13.74
CA PHE A 23 11.39 -18.68 15.06
C PHE A 23 10.20 -18.44 16.00
N GLY A 24 9.30 -17.55 15.61
CA GLY A 24 8.20 -17.21 16.42
C GLY A 24 7.34 -18.42 16.71
N ASN A 25 7.08 -19.23 15.68
CA ASN A 25 6.21 -20.37 15.85
C ASN A 25 6.77 -21.39 16.90
N ALA A 26 8.08 -21.53 16.92
CA ALA A 26 8.75 -22.38 17.91
C ALA A 26 8.56 -21.84 19.30
N VAL A 27 8.90 -20.56 19.50
CA VAL A 27 8.81 -19.90 20.81
C VAL A 27 7.37 -19.95 21.31
N ALA A 28 6.42 -19.81 20.39
CA ALA A 28 5.06 -19.79 20.79
C ALA A 28 4.59 -21.13 21.32
N LYS A 29 5.07 -22.22 20.72
CA LYS A 29 4.61 -23.56 21.08
C LYS A 29 5.16 -23.88 22.46
N ALA A 30 6.30 -23.28 22.82
CA ALA A 30 6.83 -23.31 24.16
C ALA A 30 6.03 -22.56 25.22
N GLY A 31 4.96 -21.86 24.79
CA GLY A 31 4.05 -21.15 25.69
C GLY A 31 4.27 -19.68 25.87
N TYR A 32 5.12 -19.05 25.03
CA TYR A 32 5.30 -17.60 25.01
C TYR A 32 4.39 -16.88 24.03
N TYR A 33 3.89 -15.72 24.47
CA TYR A 33 3.13 -14.80 23.60
C TYR A 33 4.21 -14.10 22.75
N LEU A 34 3.74 -13.62 21.60
CA LEU A 34 4.53 -12.88 20.62
C LEU A 34 3.77 -11.60 20.20
N PHE A 35 4.53 -10.56 19.83
CA PHE A 35 4.02 -9.42 19.03
C PHE A 35 5.11 -9.22 17.98
N GLY A 36 4.76 -9.41 16.71
CA GLY A 36 5.74 -9.23 15.68
C GLY A 36 5.41 -8.25 14.60
N ASN A 37 6.43 -7.81 13.92
CA ASN A 37 6.32 -6.80 12.93
C ASN A 37 7.07 -7.20 11.71
N ARG A 38 6.72 -6.57 10.58
CA ARG A 38 7.34 -6.74 9.26
C ARG A 38 7.65 -5.37 8.67
N GLU A 39 8.92 -5.12 8.36
CA GLU A 39 9.31 -3.86 7.79
C GLU A 39 10.05 -4.09 6.51
N TYR A 40 9.47 -3.62 5.41
CA TYR A 40 10.01 -3.84 4.04
C TYR A 40 10.06 -2.46 3.36
N TYR A 41 10.90 -2.42 2.33
CA TYR A 41 10.88 -1.34 1.32
C TYR A 41 9.82 -1.60 0.20
N SER A 42 9.43 -0.50 -0.46
CA SER A 42 8.63 -0.49 -1.72
C SER A 42 9.53 -1.05 -2.84
N ASN A 43 9.59 -2.38 -2.88
CA ASN A 43 10.68 -3.11 -3.55
C ASN A 43 10.39 -4.61 -3.47
N ILE A 44 10.69 -5.35 -4.53
CA ILE A 44 10.49 -6.81 -4.57
C ILE A 44 11.78 -7.55 -4.14
N LYS A 45 12.97 -7.07 -4.57
CA LYS A 45 14.21 -7.75 -4.21
C LYS A 45 15.31 -6.79 -3.94
N GLY A 46 16.08 -7.12 -2.89
CA GLY A 46 17.38 -6.56 -2.68
C GLY A 46 17.45 -5.52 -1.59
N ARG A 47 16.39 -4.79 -1.31
CA ARG A 47 16.39 -3.82 -0.21
C ARG A 47 16.40 -4.55 1.15
N HIS A 48 16.73 -3.79 2.16
CA HIS A 48 16.81 -4.29 3.49
C HIS A 48 15.42 -4.45 4.15
N SER A 49 15.12 -5.68 4.58
CA SER A 49 13.92 -5.97 5.37
C SER A 49 14.30 -6.50 6.76
N TYR A 50 13.40 -6.31 7.74
CA TYR A 50 13.71 -6.67 9.11
C TYR A 50 12.44 -6.99 9.83
N PHE A 51 12.58 -7.85 10.83
CA PHE A 51 11.49 -8.56 11.47
C PHE A 51 11.73 -8.63 12.96
N GLU A 52 10.97 -7.89 13.73
CA GLU A 52 11.08 -7.75 15.14
C GLU A 52 10.00 -8.62 15.77
N VAL A 53 10.39 -9.41 16.76
CA VAL A 53 9.44 -10.31 17.50
C VAL A 53 9.66 -10.13 18.98
N VAL A 54 8.62 -9.68 19.70
CA VAL A 54 8.69 -9.46 21.13
C VAL A 54 8.19 -10.73 21.72
N ILE A 55 8.89 -11.21 22.75
CA ILE A 55 8.64 -12.50 23.36
C ILE A 55 8.38 -12.27 24.87
N SER A 56 7.36 -12.93 25.44
CA SER A 56 6.96 -12.74 26.82
C SER A 56 6.03 -13.83 27.23
N GLU A 57 6.00 -14.08 28.54
CA GLU A 57 5.05 -15.07 29.12
C GLU A 57 3.70 -14.52 29.29
N LYS A 58 3.59 -13.21 29.26
CA LYS A 58 2.32 -12.50 29.28
C LYS A 58 1.98 -11.92 27.92
N PRO A 59 0.67 -11.73 27.62
CA PRO A 59 0.27 -10.90 26.44
C PRO A 59 1.16 -9.64 26.26
N ILE A 60 1.51 -9.37 25.02
CA ILE A 60 2.34 -8.24 24.65
C ILE A 60 1.48 -7.33 23.76
N ARG A 61 1.73 -6.06 23.88
CA ARG A 61 0.85 -4.99 23.37
C ARG A 61 1.61 -4.03 22.47
N SER A 62 2.94 -3.96 22.57
CA SER A 62 3.66 -2.97 21.87
C SER A 62 5.07 -3.42 21.56
N LEU A 63 5.64 -2.79 20.56
CA LEU A 63 7.01 -3.00 20.20
C LEU A 63 7.92 -2.13 21.05
N SER A 64 9.22 -2.33 20.88
CA SER A 64 10.25 -1.69 21.65
C SER A 64 11.26 -1.01 20.71
N SER A 65 11.93 0.01 21.22
CA SER A 65 13.02 0.71 20.57
C SER A 65 14.36 -0.03 20.57
N TYR A 66 14.53 -1.01 21.46
CA TYR A 66 15.79 -1.73 21.56
C TYR A 66 15.58 -3.16 21.10
N VAL A 67 16.69 -3.78 20.72
CA VAL A 67 16.73 -5.20 20.39
C VAL A 67 17.62 -5.94 21.42
N ASN A 68 17.10 -6.93 22.08
CA ASN A 68 17.92 -7.83 22.94
C ASN A 68 18.89 -8.63 22.10
N ILE A 69 18.33 -9.39 21.14
CA ILE A 69 19.10 -10.22 20.21
C ILE A 69 18.83 -9.80 18.75
N LEU A 70 19.90 -9.39 18.06
CA LEU A 70 19.92 -9.15 16.65
C LEU A 70 20.60 -10.32 15.95
N ALA A 71 19.86 -11.02 15.09
CA ALA A 71 20.37 -12.13 14.25
C ALA A 71 20.65 -11.64 12.84
N SER A 72 21.87 -11.85 12.37
CA SER A 72 22.26 -11.41 11.07
C SER A 72 23.17 -12.42 10.36
N PHE A 73 23.09 -12.40 9.03
CA PHE A 73 24.01 -13.09 8.14
C PHE A 73 24.58 -12.24 7.06
N ASP A 74 24.20 -10.96 6.99
CA ASP A 74 24.82 -10.04 6.03
C ASP A 74 25.46 -8.82 6.80
N ALA A 75 26.15 -7.94 6.07
CA ALA A 75 26.69 -6.70 6.64
C ALA A 75 25.58 -5.73 6.87
N GLU A 76 24.67 -5.59 5.92
CA GLU A 76 23.72 -4.53 5.98
C GLU A 76 22.83 -4.57 7.24
N THR A 77 22.42 -5.74 7.69
CA THR A 77 21.52 -5.87 8.82
C THR A 77 22.23 -5.40 10.12
N VAL A 78 23.52 -5.65 10.19
CA VAL A 78 24.36 -5.08 11.27
C VAL A 78 24.42 -3.59 11.25
N PHE A 79 24.74 -3.02 10.12
CA PHE A 79 24.78 -1.60 9.99
C PHE A 79 23.44 -0.94 10.26
N GLN A 80 22.32 -1.61 9.94
CA GLN A 80 21.01 -0.97 10.06
C GLN A 80 20.46 -0.97 11.49
N HIS A 81 20.94 -1.85 12.34
CA HIS A 81 20.35 -2.02 13.65
C HIS A 81 21.31 -1.96 14.84
N PHE A 82 22.61 -1.72 14.62
CA PHE A 82 23.57 -1.87 15.69
C PHE A 82 23.30 -0.91 16.80
N THR A 83 22.85 0.29 16.49
CA THR A 83 22.61 1.29 17.52
C THR A 83 21.49 0.93 18.41
N GLU A 84 20.61 0.00 18.01
CA GLU A 84 19.48 -0.43 18.86
C GLU A 84 19.80 -1.72 19.64
N THR A 85 20.89 -2.37 19.33
CA THR A 85 21.18 -3.74 19.85
C THR A 85 21.76 -3.72 21.27
N LYS A 86 21.09 -4.39 22.21
CA LYS A 86 21.41 -4.27 23.65
C LYS A 86 22.23 -5.41 24.29
N GLU A 87 21.99 -6.66 23.90
CA GLU A 87 22.53 -7.83 24.64
C GLU A 87 23.37 -8.77 23.76
N TYR A 88 22.90 -9.12 22.53
CA TYR A 88 23.55 -10.17 21.68
C TYR A 88 23.43 -9.78 20.23
N LEU A 89 24.56 -9.84 19.52
CA LEU A 89 24.62 -9.83 18.09
C LEU A 89 25.14 -11.22 17.58
N ILE A 90 24.34 -11.88 16.75
CA ILE A 90 24.76 -12.97 15.85
C ILE A 90 25.10 -12.39 14.45
N TYR A 91 26.34 -12.59 13.96
CA TYR A 91 26.77 -12.01 12.72
C TYR A 91 27.69 -12.92 11.93
N ASN A 92 27.91 -12.50 10.70
CA ASN A 92 28.78 -13.20 9.75
C ASN A 92 30.21 -12.61 9.73
N VAL A 93 31.17 -13.41 10.22
CA VAL A 93 32.57 -13.03 10.27
C VAL A 93 33.13 -12.71 8.92
N GLU A 94 32.52 -13.17 7.87
CA GLU A 94 33.03 -12.84 6.52
C GLU A 94 33.03 -11.35 6.15
N TYR A 95 32.13 -10.57 6.76
CA TYR A 95 32.03 -9.16 6.44
C TYR A 95 32.74 -8.24 7.43
N GLU A 96 33.57 -8.79 8.31
CA GLU A 96 34.26 -7.95 9.31
C GLU A 96 34.96 -6.71 8.75
N ASN A 97 35.51 -6.81 7.55
CA ASN A 97 36.19 -5.71 6.90
C ASN A 97 35.34 -4.98 5.89
N THR A 98 34.05 -5.28 5.85
CA THR A 98 33.20 -4.63 4.90
C THR A 98 32.90 -3.28 5.49
N THR A 99 33.07 -2.26 4.68
CA THR A 99 32.80 -0.91 5.08
C THR A 99 31.41 -0.44 4.58
N VAL A 100 30.79 0.47 5.31
CA VAL A 100 29.42 0.87 5.00
C VAL A 100 29.22 1.40 3.56
N ASP A 101 30.22 2.08 3.01
CA ASP A 101 30.19 2.50 1.62
C ASP A 101 30.11 1.39 0.54
N LEU A 102 30.49 0.16 0.84
CA LEU A 102 30.36 -0.97 -0.09
C LEU A 102 28.97 -1.65 -0.05
N VAL A 103 28.09 -1.22 0.85
CA VAL A 103 26.73 -1.81 0.91
C VAL A 103 25.84 -1.04 -0.07
N LYS A 104 25.76 -1.53 -1.29
CA LYS A 104 25.13 -0.75 -2.31
C LYS A 104 23.60 -0.71 -2.20
N SER A 105 23.00 -1.71 -1.56
CA SER A 105 21.56 -1.70 -1.44
C SER A 105 21.09 -0.70 -0.40
N MET A 106 22.02 -0.03 0.29
CA MET A 106 21.70 0.84 1.42
C MET A 106 21.44 2.25 0.96
N GLU A 107 20.37 2.86 1.45
CA GLU A 107 20.10 4.26 1.08
C GLU A 107 21.30 5.14 1.52
N PRO A 108 21.69 6.13 0.68
CA PRO A 108 22.80 7.03 1.11
C PRO A 108 22.52 7.69 2.47
N GLU A 109 21.25 7.98 2.79
CA GLU A 109 20.98 8.67 4.04
C GLU A 109 21.31 7.78 5.25
N MET A 110 21.06 6.48 5.11
CA MET A 110 21.34 5.55 6.17
C MET A 110 22.88 5.37 6.36
N ALA A 111 23.61 5.29 5.26
CA ALA A 111 25.10 5.25 5.28
C ALA A 111 25.64 6.44 6.04
N GLU A 112 25.05 7.60 5.85
CA GLU A 112 25.46 8.79 6.61
C GLU A 112 25.14 8.70 8.07
N GLN A 113 23.94 8.22 8.42
CA GLN A 113 23.61 8.02 9.83
C GLN A 113 24.54 7.02 10.51
N VAL A 114 24.96 5.98 9.81
CA VAL A 114 25.84 5.02 10.36
C VAL A 114 27.24 5.68 10.62
N LYS A 115 27.75 6.36 9.62
CA LYS A 115 29.07 6.99 9.73
C LYS A 115 29.08 8.01 10.86
N GLU A 116 28.02 8.80 10.96
CA GLU A 116 27.88 9.78 12.04
C GLU A 116 27.93 9.10 13.42
N ALA A 117 27.12 8.05 13.64
CA ALA A 117 27.08 7.40 14.92
C ALA A 117 28.47 6.83 15.26
N LEU A 118 29.22 6.34 14.26
CA LEU A 118 30.56 5.73 14.52
C LEU A 118 31.64 6.85 14.75
N SER A 119 31.75 7.80 13.81
CA SER A 119 32.69 8.98 13.89
C SER A 119 32.67 9.76 15.20
N LYS A 120 31.46 10.04 15.62
CA LYS A 120 31.12 10.55 16.92
C LYS A 120 31.93 9.97 18.15
N GLU A 121 32.36 8.72 18.09
CA GLU A 121 33.18 8.15 19.15
C GLU A 121 34.47 7.60 18.58
N ARG A 122 34.87 8.18 17.46
CA ARG A 122 36.15 7.92 16.79
C ARG A 122 36.36 6.59 16.15
N LEU A 123 35.29 5.89 15.86
CA LEU A 123 35.36 4.62 15.16
C LEU A 123 35.27 4.87 13.66
N GLY A 124 35.90 3.98 12.91
CA GLY A 124 35.73 3.94 11.47
C GLY A 124 34.43 3.20 11.11
N PHE A 125 34.33 2.84 9.83
CA PHE A 125 33.08 2.47 9.22
C PHE A 125 32.98 1.00 8.80
N THR A 126 33.76 0.10 9.41
CA THR A 126 33.73 -1.32 9.06
C THR A 126 32.83 -2.07 10.01
N ILE A 127 32.40 -3.27 9.64
CA ILE A 127 31.68 -4.09 10.66
C ILE A 127 32.53 -4.24 11.94
N LYS A 128 33.84 -4.42 11.78
CA LYS A 128 34.74 -4.65 12.91
C LYS A 128 34.60 -3.48 13.91
N ASP A 129 34.49 -2.27 13.37
CA ASP A 129 34.25 -1.05 14.17
C ASP A 129 32.88 -1.10 14.87
N VAL A 130 31.89 -1.66 14.19
CA VAL A 130 30.57 -1.85 14.83
C VAL A 130 30.71 -2.75 15.98
N LEU A 131 31.56 -3.78 15.85
CA LEU A 131 31.72 -4.75 16.96
C LEU A 131 32.27 -4.11 18.24
N GLU A 132 33.23 -3.24 18.06
CA GLU A 132 33.81 -2.40 19.13
C GLU A 132 32.77 -1.46 19.74
N TYR A 133 31.99 -0.79 18.87
CA TYR A 133 30.89 0.05 19.33
C TYR A 133 30.04 -0.72 20.26
N LEU A 134 29.75 -1.94 19.90
CA LEU A 134 28.79 -2.78 20.67
C LEU A 134 29.41 -3.33 22.01
N LYS A 135 30.68 -3.69 21.93
CA LYS A 135 31.45 -4.17 23.12
C LYS A 135 31.61 -3.00 24.13
N ARG A 136 31.82 -1.78 23.65
CA ARG A 136 31.75 -0.60 24.58
C ARG A 136 30.42 -0.48 25.39
N ARG A 137 29.34 -1.15 24.98
CA ARG A 137 28.04 -1.09 25.58
C ARG A 137 27.67 -2.37 26.22
N GLY A 138 28.66 -3.26 26.36
CA GLY A 138 28.49 -4.55 27.00
C GLY A 138 27.78 -5.59 26.15
N VAL A 139 27.66 -5.35 24.83
CA VAL A 139 27.01 -6.31 23.97
C VAL A 139 27.96 -7.46 23.72
N LYS A 140 27.44 -8.66 23.79
CA LYS A 140 28.17 -9.87 23.36
C LYS A 140 27.86 -10.24 21.89
N VAL A 141 28.94 -10.47 21.14
CA VAL A 141 28.91 -10.75 19.73
C VAL A 141 29.36 -12.21 19.52
N ILE A 142 28.67 -12.89 18.59
CA ILE A 142 28.92 -14.29 18.28
C ILE A 142 29.04 -14.36 16.76
N GLY A 143 30.26 -14.54 16.28
CA GLY A 143 30.60 -14.50 14.88
C GLY A 143 30.61 -15.94 14.31
N PHE A 144 29.96 -16.12 13.16
CA PHE A 144 29.85 -17.42 12.48
C PHE A 144 30.52 -17.34 11.13
N ASN A 145 31.28 -18.39 10.77
CA ASN A 145 31.67 -18.57 9.38
C ASN A 145 30.54 -19.28 8.67
N TYR A 146 29.60 -18.49 8.17
CA TYR A 146 28.44 -19.03 7.48
C TYR A 146 28.88 -19.83 6.21
N THR A 147 29.90 -19.35 5.48
CA THR A 147 30.41 -20.08 4.35
C THR A 147 30.82 -21.56 4.69
N GLU A 148 31.59 -21.80 5.76
CA GLU A 148 32.03 -23.15 6.17
C GLU A 148 30.90 -23.97 6.60
N LEU A 149 29.92 -23.37 7.25
CA LEU A 149 28.82 -24.16 7.74
C LEU A 149 27.95 -24.60 6.57
N ILE A 150 27.81 -23.73 5.59
CA ILE A 150 27.03 -24.05 4.40
C ILE A 150 27.77 -25.11 3.57
N LYS A 151 29.09 -24.99 3.40
CA LYS A 151 29.94 -26.02 2.74
C LYS A 151 29.70 -27.38 3.43
N LYS A 152 29.74 -27.41 4.77
CA LYS A 152 29.54 -28.62 5.54
C LYS A 152 28.22 -29.28 5.27
N ILE A 153 27.19 -28.46 5.18
CA ILE A 153 25.84 -28.97 4.94
C ILE A 153 25.74 -29.48 3.47
N ALA A 154 26.24 -28.70 2.52
CA ALA A 154 26.24 -29.11 1.13
C ALA A 154 26.92 -30.48 1.00
N ASP A 155 28.06 -30.60 1.64
CA ASP A 155 28.84 -31.82 1.68
C ASP A 155 28.01 -32.95 2.20
N THR A 156 27.45 -32.78 3.38
CA THR A 156 26.62 -33.80 4.02
C THR A 156 25.54 -34.29 3.10
N PHE A 157 24.90 -33.36 2.39
CA PHE A 157 23.77 -33.69 1.52
C PHE A 157 24.18 -33.93 0.06
N LYS A 158 25.48 -33.86 -0.21
CA LYS A 158 26.03 -34.10 -1.54
C LYS A 158 25.32 -33.26 -2.61
N VAL A 159 25.05 -31.99 -2.29
CA VAL A 159 24.62 -31.00 -3.32
C VAL A 159 25.59 -29.83 -3.45
N PRO A 160 25.47 -29.06 -4.54
CA PRO A 160 26.28 -27.85 -4.57
C PRO A 160 25.82 -26.79 -3.56
N MET A 161 26.76 -25.92 -3.21
CA MET A 161 26.50 -24.84 -2.23
C MET A 161 25.35 -23.98 -2.58
N SER A 162 25.18 -23.63 -3.85
CA SER A 162 24.02 -22.79 -4.22
C SER A 162 22.66 -23.43 -3.85
N VAL A 163 22.60 -24.76 -3.70
CA VAL A 163 21.32 -25.41 -3.35
C VAL A 163 20.94 -25.08 -1.90
N VAL A 164 21.94 -25.04 -1.02
CA VAL A 164 21.72 -24.84 0.41
C VAL A 164 22.07 -23.41 0.93
N GLU A 165 22.27 -22.45 0.04
CA GLU A 165 22.63 -21.06 0.41
C GLU A 165 21.66 -20.44 1.47
N ARG A 166 20.35 -20.66 1.33
CA ARG A 166 19.34 -20.15 2.27
C ARG A 166 19.33 -20.76 3.70
N ALA A 167 20.17 -21.76 3.93
CA ALA A 167 20.34 -22.25 5.26
C ALA A 167 20.99 -21.24 6.16
N LYS A 168 21.71 -20.27 5.61
CA LYS A 168 22.23 -19.16 6.41
C LYS A 168 21.12 -18.65 7.36
N ASN A 169 19.90 -18.54 6.87
CA ASN A 169 18.80 -18.00 7.63
C ASN A 169 18.57 -18.83 8.92
N MET A 170 18.57 -20.17 8.77
CA MET A 170 18.28 -21.05 9.85
C MET A 170 19.44 -21.22 10.76
N ILE A 171 20.65 -20.91 10.34
CA ILE A 171 21.79 -20.89 11.29
C ILE A 171 21.56 -19.69 12.28
N ALA A 172 21.20 -18.54 11.71
CA ALA A 172 20.97 -17.32 12.49
C ALA A 172 19.80 -17.58 13.46
N VAL A 173 18.75 -18.23 12.97
CA VAL A 173 17.62 -18.55 13.78
C VAL A 173 17.92 -19.59 14.85
N GLY A 174 18.68 -20.64 14.51
CA GLY A 174 19.00 -21.67 15.44
C GLY A 174 19.91 -21.16 16.54
N ALA A 175 20.88 -20.32 16.19
CA ALA A 175 21.69 -19.69 17.23
C ALA A 175 20.86 -18.76 18.19
N SER A 176 19.98 -17.93 17.63
CA SER A 176 19.07 -17.08 18.43
C SER A 176 18.24 -17.87 19.41
N TYR A 177 17.68 -18.96 18.92
CA TYR A 177 16.74 -19.77 19.67
C TYR A 177 17.52 -20.51 20.75
N GLY A 178 18.76 -20.83 20.42
CA GLY A 178 19.67 -21.42 21.36
C GLY A 178 19.96 -20.56 22.55
N LEU A 179 20.14 -19.26 22.31
CA LEU A 179 20.40 -18.31 23.40
C LEU A 179 19.26 -18.27 24.39
N LEU A 180 18.06 -18.51 23.91
CA LEU A 180 16.91 -18.46 24.74
C LEU A 180 16.90 -19.65 25.69
N GLY A 181 17.35 -20.81 25.21
CA GLY A 181 17.44 -22.01 26.04
C GLY A 181 16.24 -22.91 25.97
N LEU A 182 15.36 -22.72 24.97
CA LEU A 182 14.18 -23.58 24.84
C LEU A 182 14.63 -24.79 24.10
N LYS A 183 13.88 -25.88 24.22
CA LYS A 183 14.34 -27.13 23.67
C LYS A 183 14.19 -27.17 22.13
N PHE A 184 15.18 -27.76 21.48
CA PHE A 184 15.30 -27.83 20.05
C PHE A 184 14.06 -28.37 19.35
N ASP A 185 13.31 -29.25 19.99
CA ASP A 185 12.20 -29.92 19.29
C ASP A 185 11.17 -28.95 18.76
N TYR A 186 10.90 -27.87 19.47
CA TYR A 186 9.90 -26.90 19.02
C TYR A 186 10.34 -26.28 17.70
N LEU A 187 11.61 -26.00 17.58
CA LEU A 187 12.14 -25.45 16.33
C LEU A 187 12.17 -26.47 15.19
N LYS A 188 12.69 -27.66 15.49
CA LYS A 188 12.60 -28.81 14.57
C LYS A 188 11.18 -29.02 14.04
N ASP A 189 10.18 -29.03 14.93
CA ASP A 189 8.79 -29.12 14.51
C ASP A 189 8.39 -27.94 13.61
N ALA A 190 8.87 -26.75 13.93
CA ALA A 190 8.43 -25.53 13.20
C ALA A 190 9.02 -25.54 11.79
N ILE A 191 10.20 -26.13 11.67
CA ILE A 191 10.86 -26.28 10.35
C ILE A 191 10.10 -27.31 9.48
N SER A 192 9.85 -28.47 10.08
CA SER A 192 9.08 -29.50 9.41
C SER A 192 7.67 -29.07 9.05
N SER A 193 7.03 -28.14 9.76
CA SER A 193 5.68 -27.77 9.30
C SER A 193 5.61 -26.63 8.29
N THR A 194 6.76 -26.06 7.94
CA THR A 194 6.81 -24.85 7.16
C THR A 194 7.29 -25.17 5.76
N PHE A 195 8.38 -25.92 5.67
CA PHE A 195 8.93 -26.34 4.38
C PHE A 195 8.19 -27.59 3.90
N LYS A 196 8.11 -27.73 2.58
CA LYS A 196 7.23 -28.69 1.93
C LYS A 196 7.94 -29.88 1.26
N ASN A 197 9.26 -29.98 1.30
CA ASN A 197 9.96 -31.15 0.71
C ASN A 197 11.05 -31.68 1.65
N GLU A 198 11.30 -32.99 1.58
CA GLU A 198 12.13 -33.65 2.56
C GLU A 198 13.54 -33.07 2.60
N LEU A 199 14.10 -32.74 1.44
CA LEU A 199 15.49 -32.30 1.40
C LEU A 199 15.64 -30.90 2.08
N PHE A 200 14.77 -29.96 1.70
CA PHE A 200 14.70 -28.65 2.31
C PHE A 200 14.47 -28.72 3.82
N ILE A 201 13.56 -29.60 4.28
CA ILE A 201 13.37 -29.81 5.69
C ILE A 201 14.67 -30.21 6.34
N LYS A 202 15.30 -31.24 5.81
CA LYS A 202 16.43 -31.82 6.51
C LYS A 202 17.64 -30.91 6.51
N PHE A 203 17.89 -30.18 5.44
CA PHE A 203 19.13 -29.35 5.42
C PHE A 203 18.91 -28.01 6.24
N ASN A 204 17.68 -27.49 6.25
CA ASN A 204 17.32 -26.42 7.16
C ASN A 204 17.35 -26.86 8.61
N THR A 205 16.95 -28.10 8.90
CA THR A 205 17.03 -28.64 10.27
C THR A 205 18.46 -28.79 10.74
N MET A 206 19.32 -29.26 9.85
CA MET A 206 20.77 -29.31 10.12
C MET A 206 21.36 -27.88 10.35
N ALA A 207 20.96 -26.93 9.48
CA ALA A 207 21.39 -25.54 9.62
C ALA A 207 21.03 -24.98 11.03
N ALA A 208 19.82 -25.27 11.48
CA ALA A 208 19.37 -24.79 12.80
C ALA A 208 20.03 -25.45 13.99
N GLU A 209 20.26 -26.76 13.85
CA GLU A 209 21.11 -27.51 14.81
C GLU A 209 22.47 -26.91 14.95
N LEU A 210 23.12 -26.65 13.82
CA LEU A 210 24.47 -26.11 13.86
C LEU A 210 24.46 -24.81 14.66
N GLY A 211 23.53 -23.89 14.35
CA GLY A 211 23.38 -22.64 15.13
C GLY A 211 23.12 -22.86 16.63
N TYR A 212 22.11 -23.68 16.94
CA TYR A 212 21.68 -23.92 18.31
C TYR A 212 22.81 -24.45 19.17
N ASN A 213 23.59 -25.42 18.65
CA ASN A 213 24.63 -26.10 19.45
C ASN A 213 25.92 -25.29 19.51
N SER A 214 26.03 -24.17 18.81
CA SER A 214 27.23 -23.33 18.88
C SER A 214 27.18 -22.17 19.88
N VAL A 215 26.11 -22.06 20.65
CA VAL A 215 25.90 -20.89 21.52
C VAL A 215 25.48 -21.37 22.89
N PRO A 216 25.77 -20.57 23.93
CA PRO A 216 25.35 -20.91 25.30
C PRO A 216 23.89 -20.56 25.58
N ASN A 217 23.28 -21.26 26.52
CA ASN A 217 21.94 -20.99 26.99
C ASN A 217 22.02 -19.81 27.93
N VAL A 218 21.59 -18.65 27.46
CA VAL A 218 21.72 -17.45 28.25
C VAL A 218 20.46 -17.03 29.02
N TYR A 219 19.28 -17.09 28.40
CA TYR A 219 18.09 -16.47 29.03
C TYR A 219 17.37 -17.50 29.89
N LYS A 220 17.70 -18.77 29.75
CA LYS A 220 17.25 -19.78 30.69
C LYS A 220 15.72 -19.80 30.75
N LEU A 221 15.08 -19.74 29.61
CA LEU A 221 13.64 -19.69 29.61
C LEU A 221 13.09 -21.05 29.83
N GLN A 222 12.03 -21.07 30.62
CA GLN A 222 11.26 -22.24 30.91
C GLN A 222 10.05 -22.24 29.98
N GLU A 223 9.45 -23.40 29.85
CA GLU A 223 8.21 -23.60 29.15
C GLU A 223 6.97 -23.34 30.01
N TYR A 224 5.90 -22.86 29.37
CA TYR A 224 4.63 -22.68 30.04
C TYR A 224 3.63 -23.53 29.34
N LYS A 225 2.83 -24.19 30.14
CA LYS A 225 1.66 -24.89 29.69
C LYS A 225 0.69 -23.78 29.29
N ILE A 226 0.01 -23.97 28.18
CA ILE A 226 -0.94 -23.03 27.70
C ILE A 226 -2.31 -23.52 28.14
N GLU A 227 -3.02 -22.68 28.90
CA GLU A 227 -4.30 -23.12 29.44
C GLU A 227 -5.38 -22.91 28.38
N LYS A 228 -5.76 -21.67 28.18
CA LYS A 228 -6.75 -21.32 27.18
C LYS A 228 -6.08 -21.27 25.78
N GLN A 229 -6.83 -21.78 24.82
CA GLN A 229 -6.47 -21.82 23.43
C GLN A 229 -6.00 -20.45 22.91
N ARG A 230 -4.81 -20.44 22.30
CA ARG A 230 -4.22 -19.24 21.70
C ARG A 230 -4.26 -19.26 20.20
N ILE A 231 -4.41 -18.06 19.59
CA ILE A 231 -4.24 -17.92 18.13
C ILE A 231 -3.18 -16.84 17.79
N GLN A 232 -2.69 -16.87 16.56
CA GLN A 232 -1.71 -15.89 16.09
C GLN A 232 -2.25 -15.29 14.79
N VAL A 233 -2.55 -13.99 14.76
CA VAL A 233 -3.15 -13.38 13.60
C VAL A 233 -2.63 -11.95 13.33
N ASP A 234 -2.57 -11.56 12.06
CA ASP A 234 -2.36 -10.20 11.69
C ASP A 234 -3.65 -9.43 11.51
N GLY A 235 -3.48 -8.11 11.49
CA GLY A 235 -4.58 -7.13 11.35
C GLY A 235 -5.48 -7.29 10.15
N ASN A 236 -4.89 -7.43 8.97
CA ASN A 236 -5.57 -7.74 7.71
C ASN A 236 -6.51 -8.91 7.87
N THR A 237 -5.93 -10.01 8.36
CA THR A 237 -6.68 -11.20 8.48
C THR A 237 -7.86 -11.03 9.46
N ILE A 238 -7.61 -10.41 10.57
CA ILE A 238 -8.61 -10.19 11.58
C ILE A 238 -9.79 -9.31 11.09
N SER A 239 -9.49 -8.28 10.31
CA SER A 239 -10.56 -7.52 9.65
C SER A 239 -11.34 -8.39 8.75
N ALA A 240 -10.68 -9.24 7.95
CA ALA A 240 -11.43 -10.14 7.08
C ALA A 240 -12.38 -11.05 7.86
N MET A 241 -11.87 -11.63 8.93
CA MET A 241 -12.67 -12.54 9.81
C MET A 241 -13.88 -11.81 10.36
N GLY A 242 -13.66 -10.60 10.85
CA GLY A 242 -14.76 -9.83 11.43
C GLY A 242 -15.83 -9.49 10.38
N LYS A 243 -15.40 -9.14 9.17
CA LYS A 243 -16.36 -8.83 8.12
C LYS A 243 -17.20 -10.05 7.76
N LEU A 244 -16.52 -11.16 7.62
CA LEU A 244 -17.23 -12.40 7.28
C LEU A 244 -18.21 -12.79 8.37
N ALA A 245 -17.79 -12.65 9.60
CA ALA A 245 -18.67 -12.87 10.76
C ALA A 245 -19.84 -11.92 10.76
N GLY A 246 -19.62 -10.70 10.25
CA GLY A 246 -20.64 -9.69 10.12
C GLY A 246 -21.48 -9.77 8.90
N GLY A 247 -21.36 -10.82 8.14
CA GLY A 247 -22.34 -10.98 7.03
C GLY A 247 -21.94 -10.45 5.64
N LEU A 248 -20.71 -9.99 5.49
CA LEU A 248 -20.23 -9.48 4.20
C LEU A 248 -20.38 -10.58 3.13
N ARG A 249 -21.01 -10.23 2.02
CA ARG A 249 -21.08 -11.13 0.87
C ARG A 249 -20.65 -10.50 -0.50
N PHE A 250 -20.20 -9.23 -0.53
CA PHE A 250 -19.57 -8.57 -1.71
C PHE A 250 -18.47 -7.61 -1.28
N GLN A 251 -17.29 -7.80 -1.84
CA GLN A 251 -16.17 -6.88 -1.64
C GLN A 251 -15.51 -6.66 -3.01
N SER A 252 -15.31 -5.39 -3.39
CA SER A 252 -14.61 -5.03 -4.55
C SER A 252 -13.39 -4.23 -4.09
N TYR A 253 -12.25 -4.40 -4.76
CA TYR A 253 -11.05 -3.75 -4.34
C TYR A 253 -10.14 -3.54 -5.55
N TYR A 254 -9.22 -2.61 -5.40
CA TYR A 254 -8.11 -2.46 -6.29
C TYR A 254 -6.85 -2.69 -5.41
N PRO A 255 -5.87 -3.46 -5.87
CA PRO A 255 -4.70 -3.72 -5.05
C PRO A 255 -3.93 -2.48 -4.62
N ILE A 256 -3.62 -2.43 -3.34
CA ILE A 256 -2.78 -1.39 -2.78
C ILE A 256 -2.27 -1.89 -1.44
N THR A 257 -1.04 -1.51 -1.13
CA THR A 257 -0.51 -1.93 0.17
C THR A 257 -0.95 -0.93 1.24
N PRO A 258 -1.37 -1.39 2.43
CA PRO A 258 -1.36 -2.78 2.84
C PRO A 258 -2.76 -3.31 2.95
N ALA A 259 -3.58 -2.99 1.97
CA ALA A 259 -4.98 -3.39 1.97
C ALA A 259 -5.29 -4.65 1.25
N SER A 260 -4.51 -4.98 0.25
CA SER A 260 -4.79 -6.11 -0.64
C SER A 260 -4.91 -7.45 0.09
N ASP A 261 -4.05 -7.68 1.05
CA ASP A 261 -4.05 -8.94 1.75
C ASP A 261 -5.38 -9.23 2.36
N GLU A 262 -6.16 -8.23 2.73
CA GLU A 262 -7.46 -8.49 3.29
C GLU A 262 -8.33 -9.17 2.24
N SER A 263 -8.41 -8.58 1.05
CA SER A 263 -9.25 -9.14 0.02
C SER A 263 -8.81 -10.53 -0.52
N VAL A 264 -7.50 -10.74 -0.61
CA VAL A 264 -6.86 -12.02 -1.03
C VAL A 264 -7.27 -13.15 -0.04
N TYR A 265 -7.26 -12.83 1.23
CA TYR A 265 -7.73 -13.78 2.27
C TYR A 265 -9.22 -14.07 2.15
N ILE A 266 -10.02 -13.05 1.98
CA ILE A 266 -11.45 -13.29 1.75
C ILE A 266 -11.73 -14.18 0.54
N GLU A 267 -11.05 -13.88 -0.55
CA GLU A 267 -11.24 -14.63 -1.74
C GLU A 267 -10.79 -16.12 -1.56
N ALA A 268 -9.63 -16.34 -0.96
CA ALA A 268 -9.14 -17.71 -0.70
C ALA A 268 -10.10 -18.50 0.23
N ASN A 269 -10.98 -17.83 0.99
CA ASN A 269 -11.87 -18.46 1.95
C ASN A 269 -13.28 -18.13 1.62
N GLN A 270 -13.58 -17.85 0.37
CA GLN A 270 -14.87 -17.15 0.07
C GLN A 270 -16.09 -18.05 0.19
N ASN A 271 -15.86 -19.36 0.14
CA ASN A 271 -17.00 -20.35 0.28
C ASN A 271 -17.15 -20.72 1.74
N LEU A 272 -18.14 -20.13 2.40
CA LEU A 272 -18.22 -20.15 3.85
C LEU A 272 -19.22 -21.13 4.27
N ASP A 273 -18.95 -21.80 5.37
CA ASP A 273 -19.98 -22.59 6.03
C ASP A 273 -20.97 -21.70 6.70
N MET A 274 -22.23 -22.11 6.65
CA MET A 274 -23.30 -21.38 7.21
C MET A 274 -24.30 -22.36 7.85
N ILE A 275 -24.73 -22.06 9.07
CA ILE A 275 -25.83 -22.76 9.70
C ILE A 275 -27.05 -21.88 9.47
N VAL A 276 -27.97 -22.35 8.65
CA VAL A 276 -29.13 -21.60 8.17
C VAL A 276 -30.41 -22.23 8.79
N GLU A 277 -31.60 -21.64 8.50
CA GLU A 277 -32.98 -22.14 8.86
C GLU A 277 -33.18 -23.66 9.10
N GLY A 278 -33.58 -24.03 10.32
CA GLY A 278 -33.70 -25.43 10.71
C GLY A 278 -32.37 -26.18 10.81
N ASN A 279 -31.31 -25.47 11.21
CA ASN A 279 -29.95 -26.05 11.40
C ASN A 279 -29.34 -26.76 10.15
N GLU A 280 -29.72 -26.31 8.94
CA GLU A 280 -29.14 -26.85 7.67
C GLU A 280 -27.72 -26.32 7.44
N LEU A 281 -26.77 -27.21 7.13
CA LEU A 281 -25.47 -26.78 6.63
C LEU A 281 -25.61 -26.41 5.15
N ARG A 282 -25.36 -25.13 4.83
CA ARG A 282 -25.25 -24.61 3.48
C ARG A 282 -23.84 -23.98 3.38
N LYS A 283 -23.33 -23.84 2.15
CA LYS A 283 -22.20 -22.93 1.87
C LYS A 283 -22.72 -21.72 1.14
N GLY A 284 -22.11 -20.59 1.45
CA GLY A 284 -22.50 -19.27 0.89
C GLY A 284 -21.20 -18.63 0.45
N GLY A 285 -21.15 -18.23 -0.81
CA GLY A 285 -20.00 -17.53 -1.38
C GLY A 285 -20.04 -16.01 -1.23
N VAL A 286 -18.91 -15.45 -0.82
CA VAL A 286 -18.65 -13.98 -0.91
C VAL A 286 -18.14 -13.73 -2.29
N VAL A 287 -18.84 -12.90 -3.03
CA VAL A 287 -18.25 -12.47 -4.31
C VAL A 287 -17.14 -11.44 -4.05
N VAL A 288 -15.94 -11.69 -4.55
CA VAL A 288 -14.84 -10.78 -4.47
C VAL A 288 -14.45 -10.35 -5.89
N VAL A 289 -14.50 -9.06 -6.21
CA VAL A 289 -14.11 -8.57 -7.53
C VAL A 289 -12.89 -7.67 -7.39
N GLN A 290 -11.91 -7.99 -8.19
CA GLN A 290 -10.76 -7.10 -8.37
C GLN A 290 -11.11 -6.07 -9.45
N ALA A 291 -11.48 -4.88 -9.02
CA ALA A 291 -11.78 -3.83 -9.93
C ALA A 291 -10.58 -3.31 -10.68
N GLU A 292 -10.88 -2.53 -11.69
CA GLU A 292 -9.84 -1.96 -12.54
C GLU A 292 -9.20 -0.71 -11.96
N ASP A 293 -9.87 -0.08 -11.00
CA ASP A 293 -9.33 1.10 -10.30
C ASP A 293 -10.27 1.34 -9.07
N GLU A 294 -9.94 2.27 -8.22
CA GLU A 294 -10.74 2.51 -7.03
C GLU A 294 -12.08 3.19 -7.29
N LEU A 295 -12.21 3.91 -8.38
CA LEU A 295 -13.49 4.48 -8.71
C LEU A 295 -14.47 3.33 -9.03
N ALA A 296 -14.00 2.31 -9.76
CA ALA A 296 -14.82 1.14 -9.99
C ALA A 296 -15.04 0.44 -8.64
N ALA A 297 -14.03 0.38 -7.79
CA ALA A 297 -14.17 -0.43 -6.56
C ALA A 297 -15.23 0.15 -5.64
N ILE A 298 -15.22 1.46 -5.41
CA ILE A 298 -16.20 2.03 -4.52
C ILE A 298 -17.59 1.87 -5.13
N ASN A 299 -17.73 2.18 -6.41
CA ASN A 299 -19.04 2.20 -6.99
C ASN A 299 -19.68 0.80 -7.19
N MET A 300 -18.85 -0.21 -7.43
CA MET A 300 -19.28 -1.59 -7.46
C MET A 300 -19.88 -1.95 -6.11
N ALA A 301 -19.21 -1.59 -5.04
CA ALA A 301 -19.66 -1.97 -3.69
C ALA A 301 -20.98 -1.26 -3.32
N VAL A 302 -21.11 0.01 -3.72
CA VAL A 302 -22.28 0.74 -3.48
C VAL A 302 -23.47 0.18 -4.27
N GLY A 303 -23.24 -0.19 -5.51
CA GLY A 303 -24.26 -0.83 -6.33
C GLY A 303 -24.69 -2.17 -5.71
N ALA A 304 -23.74 -2.97 -5.27
CA ALA A 304 -24.04 -4.22 -4.60
C ALA A 304 -24.93 -4.02 -3.41
N ALA A 305 -24.58 -3.07 -2.54
CA ALA A 305 -25.44 -2.73 -1.35
C ALA A 305 -26.86 -2.48 -1.70
N LEU A 306 -27.11 -1.91 -2.88
CA LEU A 306 -28.48 -1.66 -3.30
C LEU A 306 -29.37 -2.92 -3.46
N THR A 307 -28.78 -4.05 -3.68
CA THR A 307 -29.45 -5.35 -3.71
C THR A 307 -29.70 -5.94 -2.31
N GLY A 308 -29.20 -5.31 -1.23
CA GLY A 308 -29.39 -5.76 0.15
C GLY A 308 -28.27 -6.56 0.72
N VAL A 309 -27.24 -6.78 -0.09
CA VAL A 309 -26.03 -7.45 0.32
C VAL A 309 -25.29 -6.50 1.22
N ARG A 310 -24.56 -7.06 2.16
CA ARG A 310 -23.62 -6.31 2.97
C ARG A 310 -22.33 -6.20 2.17
N SER A 311 -21.89 -4.98 1.86
CA SER A 311 -20.80 -4.80 0.93
C SER A 311 -19.76 -3.91 1.55
N ALA A 312 -18.55 -4.05 1.05
CA ALA A 312 -17.43 -3.24 1.48
C ALA A 312 -16.29 -3.24 0.45
N THR A 313 -15.35 -2.36 0.74
CA THR A 313 -14.14 -2.27 0.04
C THR A 313 -13.07 -2.01 1.07
N ALA A 314 -11.84 -2.04 0.58
CA ALA A 314 -10.70 -1.69 1.36
C ALA A 314 -9.65 -1.00 0.51
N THR A 315 -8.95 -0.07 1.13
CA THR A 315 -8.08 0.78 0.42
C THR A 315 -7.10 1.47 1.34
N SER A 316 -6.28 2.31 0.74
CA SER A 316 -5.42 3.19 1.49
C SER A 316 -5.41 4.60 0.87
N GLY A 317 -4.55 5.51 1.33
CA GLY A 317 -4.72 6.95 1.03
C GLY A 317 -5.02 7.36 -0.41
N PRO A 318 -4.19 6.95 -1.35
CA PRO A 318 -4.37 7.32 -2.73
C PRO A 318 -5.73 6.77 -3.24
N GLY A 319 -6.03 5.54 -2.91
CA GLY A 319 -7.26 4.92 -3.33
C GLY A 319 -8.46 5.62 -2.68
N PHE A 320 -8.30 5.99 -1.42
CA PHE A 320 -9.39 6.58 -0.68
C PHE A 320 -9.75 7.94 -1.28
N SER A 321 -8.72 8.70 -1.69
CA SER A 321 -8.91 9.99 -2.39
C SER A 321 -9.72 9.85 -3.65
N LEU A 322 -9.46 8.78 -4.38
CA LEU A 322 -10.23 8.47 -5.57
C LEU A 322 -11.67 8.07 -5.34
N MET A 323 -11.95 7.48 -4.18
CA MET A 323 -13.30 7.08 -3.71
C MET A 323 -14.18 8.17 -3.20
N SER A 324 -13.71 9.41 -3.02
CA SER A 324 -14.43 10.50 -2.46
C SER A 324 -15.75 10.72 -3.09
N GLU A 325 -15.76 10.75 -4.40
CA GLU A 325 -16.98 10.96 -5.12
C GLU A 325 -18.03 9.90 -4.86
N GLY A 326 -17.62 8.66 -4.97
CA GLY A 326 -18.47 7.53 -4.72
C GLY A 326 -19.02 7.54 -3.32
N ILE A 327 -18.25 7.95 -2.32
CA ILE A 327 -18.68 8.00 -0.94
C ILE A 327 -19.73 9.10 -0.81
N SER A 328 -19.53 10.23 -1.48
CA SER A 328 -20.54 11.26 -1.50
C SER A 328 -21.81 10.76 -2.10
N TRP A 329 -21.74 10.02 -3.18
CA TRP A 329 -23.00 9.49 -3.79
C TRP A 329 -23.67 8.53 -2.83
N ALA A 330 -22.90 7.69 -2.17
CA ALA A 330 -23.47 6.79 -1.14
C ALA A 330 -24.12 7.56 0.03
N GLY A 331 -23.54 8.68 0.45
CA GLY A 331 -24.17 9.55 1.43
C GLY A 331 -25.50 10.12 1.01
N MET A 332 -25.57 10.61 -0.21
CA MET A 332 -26.77 11.15 -0.83
C MET A 332 -27.90 10.14 -1.06
N ASN A 333 -27.57 8.95 -1.43
CA ASN A 333 -28.49 7.94 -1.64
C ASN A 333 -28.67 7.01 -0.45
N GLU A 334 -28.03 7.35 0.65
CA GLU A 334 -28.24 6.63 1.90
C GLU A 334 -28.00 5.17 1.72
N VAL A 335 -26.81 4.87 1.26
CA VAL A 335 -26.43 3.50 0.99
C VAL A 335 -25.43 2.99 2.05
N PRO A 336 -25.76 1.88 2.69
CA PRO A 336 -24.82 1.26 3.59
C PRO A 336 -23.59 0.76 2.81
N VAL A 337 -22.38 1.10 3.24
CA VAL A 337 -21.19 0.50 2.66
C VAL A 337 -20.13 0.71 3.68
N VAL A 338 -19.27 -0.26 3.87
CA VAL A 338 -18.07 -0.01 4.63
C VAL A 338 -16.77 0.10 3.81
N ILE A 339 -15.99 1.09 4.18
CA ILE A 339 -14.70 1.34 3.58
C ILE A 339 -13.69 1.16 4.62
N THR A 340 -12.88 0.12 4.50
CA THR A 340 -11.79 -0.12 5.42
C THR A 340 -10.57 0.68 4.93
N TYR A 341 -10.15 1.62 5.74
CA TYR A 341 -9.12 2.57 5.40
C TYR A 341 -7.85 2.13 6.11
N TYR A 342 -7.02 1.37 5.39
CA TYR A 342 -5.73 1.05 5.86
C TYR A 342 -4.81 2.24 5.70
N MET A 343 -4.68 3.04 6.74
CA MET A 343 -4.03 4.32 6.67
C MET A 343 -2.54 4.15 6.67
N ARG A 344 -1.89 4.72 5.67
CA ARG A 344 -0.42 4.57 5.48
C ARG A 344 0.33 5.88 5.36
N GLY A 345 1.65 5.80 5.21
CA GLY A 345 2.52 6.98 4.94
C GLY A 345 2.08 7.70 3.65
N ALA A 346 1.72 8.97 3.79
CA ALA A 346 1.09 9.86 2.76
C ALA A 346 1.91 11.18 2.85
N PRO A 347 1.63 12.29 2.10
CA PRO A 347 0.66 12.39 0.94
C PRO A 347 1.02 11.58 -0.34
N ALA A 348 0.18 11.68 -1.41
CA ALA A 348 0.50 10.99 -2.66
C ALA A 348 0.87 9.48 -2.41
N THR A 349 1.81 8.94 -3.18
CA THR A 349 2.29 7.56 -2.96
C THR A 349 2.93 7.42 -1.54
N GLY A 350 3.74 8.43 -1.14
CA GLY A 350 4.13 8.68 0.25
C GLY A 350 5.09 7.61 0.64
N LEU A 351 4.71 6.81 1.60
CA LEU A 351 5.49 5.61 2.00
C LEU A 351 4.55 4.38 1.85
N PRO A 352 4.49 3.82 0.61
CA PRO A 352 3.52 2.72 0.41
C PRO A 352 3.66 1.52 1.37
N THR A 353 4.84 1.30 1.97
CA THR A 353 5.09 0.17 2.85
C THR A 353 5.25 0.60 4.30
N ARG A 354 5.01 1.89 4.59
CA ARG A 354 5.03 2.39 5.96
C ARG A 354 3.67 2.91 6.46
N SER A 355 3.59 3.32 7.72
CA SER A 355 2.29 3.61 8.37
C SER A 355 2.10 5.11 8.56
N GLY A 356 0.89 5.51 8.93
CA GLY A 356 0.58 6.86 9.40
C GLY A 356 -0.84 7.07 9.86
N GLN A 357 -1.06 8.20 10.59
CA GLN A 357 -2.35 8.66 11.08
C GLN A 357 -2.71 10.05 10.53
N ALA A 358 -2.27 10.35 9.32
CA ALA A 358 -2.33 11.74 8.78
C ALA A 358 -3.60 12.03 7.95
N ASP A 359 -4.54 11.09 7.87
CA ASP A 359 -5.68 11.20 6.99
C ASP A 359 -7.01 11.25 7.76
N LEU A 360 -6.98 11.41 9.09
CA LEU A 360 -8.20 11.35 9.85
C LEU A 360 -9.21 12.43 9.49
N LYS A 361 -8.78 13.66 9.44
CA LYS A 361 -9.74 14.72 9.17
C LYS A 361 -10.28 14.68 7.75
N PHE A 362 -9.46 14.18 6.80
CA PHE A 362 -9.94 13.96 5.46
C PHE A 362 -11.11 12.93 5.48
N ALA A 363 -10.90 11.86 6.20
CA ALA A 363 -11.92 10.81 6.35
C ALA A 363 -13.19 11.37 6.93
N LEU A 364 -13.04 12.23 7.91
CA LEU A 364 -14.17 12.89 8.53
C LEU A 364 -14.92 13.85 7.63
N ASN A 365 -14.29 14.26 6.54
CA ASN A 365 -14.89 15.24 5.70
C ASN A 365 -14.84 14.86 4.23
N VAL A 366 -14.85 13.58 3.92
CA VAL A 366 -14.56 13.12 2.60
C VAL A 366 -15.73 13.37 1.67
N GLY A 367 -15.43 14.00 0.53
CA GLY A 367 -16.43 14.24 -0.49
C GLY A 367 -17.29 15.45 -0.21
N HIS A 368 -17.96 15.91 -1.26
CA HIS A 368 -18.69 17.18 -1.26
C HIS A 368 -20.05 16.90 -0.62
N GLY A 369 -20.62 17.94 -0.05
CA GLY A 369 -21.89 17.87 0.65
C GLY A 369 -21.80 17.48 2.12
N GLU A 370 -22.93 17.66 2.78
CA GLU A 370 -23.14 17.23 4.18
C GLU A 370 -24.02 16.05 4.21
N PHE A 371 -23.50 15.02 4.87
CA PHE A 371 -24.12 13.71 5.05
C PHE A 371 -23.35 13.02 6.18
N PRO A 372 -23.92 12.02 6.84
CA PRO A 372 -23.29 11.32 7.95
C PRO A 372 -22.15 10.36 7.46
N ARG A 373 -20.94 10.67 7.83
CA ARG A 373 -19.77 9.84 7.62
C ARG A 373 -19.46 9.25 8.99
N ILE A 374 -19.80 8.01 9.22
CA ILE A 374 -19.50 7.40 10.50
C ILE A 374 -18.08 6.88 10.47
N VAL A 375 -17.29 7.27 11.45
CA VAL A 375 -15.87 6.97 11.41
C VAL A 375 -15.41 6.38 12.74
N ILE A 376 -14.81 5.20 12.64
CA ILE A 376 -14.15 4.50 13.77
C ILE A 376 -12.74 4.10 13.44
N ALA A 377 -11.97 3.81 14.48
CA ALA A 377 -10.59 3.46 14.30
C ALA A 377 -10.24 2.44 15.35
N SER A 378 -9.62 1.33 14.94
CA SER A 378 -9.22 0.31 15.85
C SER A 378 -7.82 0.59 16.43
N GLY A 379 -7.64 0.29 17.70
CA GLY A 379 -6.38 0.50 18.40
C GLY A 379 -5.53 -0.71 18.66
N ASP A 380 -6.07 -1.91 18.46
CA ASP A 380 -5.28 -3.09 18.58
C ASP A 380 -5.95 -4.24 17.82
N HIS A 381 -5.32 -5.43 17.78
CA HIS A 381 -5.83 -6.50 16.93
C HIS A 381 -7.18 -7.03 17.29
N VAL A 382 -7.45 -7.19 18.58
CA VAL A 382 -8.81 -7.64 18.96
C VAL A 382 -9.86 -6.65 18.60
N GLU A 383 -9.58 -5.36 18.79
CA GLU A 383 -10.58 -4.34 18.44
C GLU A 383 -10.90 -4.40 16.95
N ILE A 384 -9.92 -4.74 16.11
CA ILE A 384 -10.18 -4.80 14.68
C ILE A 384 -11.34 -5.72 14.39
N PHE A 385 -11.32 -6.92 14.98
CA PHE A 385 -12.39 -7.89 14.70
C PHE A 385 -13.78 -7.30 15.03
N TRP A 386 -13.93 -6.85 16.28
CA TRP A 386 -15.25 -6.38 16.78
C TRP A 386 -15.67 -5.08 16.06
N ASP A 387 -14.70 -4.24 15.69
CA ASP A 387 -14.96 -3.01 14.97
C ASP A 387 -15.47 -3.28 13.55
N ALA A 388 -15.03 -4.35 12.91
CA ALA A 388 -15.50 -4.68 11.56
C ALA A 388 -16.96 -5.15 11.59
N ILE A 389 -17.32 -5.89 12.61
CA ILE A 389 -18.74 -6.26 12.79
C ILE A 389 -19.51 -4.99 13.03
N TRP A 390 -18.98 -4.16 13.90
CA TRP A 390 -19.68 -2.91 14.27
C TRP A 390 -19.92 -2.03 13.03
N ALA A 391 -18.87 -1.85 12.20
CA ALA A 391 -18.95 -1.01 10.99
C ALA A 391 -20.10 -1.45 10.14
N LEU A 392 -20.18 -2.73 9.89
CA LEU A 392 -21.22 -3.25 9.04
C LEU A 392 -22.63 -3.02 9.63
N ASN A 393 -22.80 -3.22 10.96
CA ASN A 393 -24.08 -2.88 11.62
C ASN A 393 -24.39 -1.37 11.58
N LEU A 394 -23.40 -0.53 11.81
CA LEU A 394 -23.60 0.90 11.75
C LEU A 394 -24.05 1.32 10.38
N ALA A 395 -23.46 0.72 9.33
CA ALA A 395 -23.79 1.12 7.97
C ALA A 395 -25.24 0.82 7.63
N GLU A 396 -25.72 -0.37 8.02
CA GLU A 396 -27.09 -0.70 7.72
C GLU A 396 -28.06 0.02 8.67
N LYS A 397 -27.68 0.24 9.91
CA LYS A 397 -28.56 0.90 10.85
C LYS A 397 -28.79 2.38 10.48
N TYR A 398 -27.70 3.08 10.07
CA TYR A 398 -27.79 4.48 9.69
C TYR A 398 -27.79 4.73 8.15
N GLN A 399 -27.73 3.67 7.33
CA GLN A 399 -27.90 3.75 5.90
C GLN A 399 -26.94 4.79 5.32
N THR A 400 -25.67 4.56 5.58
CA THR A 400 -24.68 5.59 5.28
C THR A 400 -23.25 4.97 5.21
N PRO A 401 -22.32 5.65 4.52
CA PRO A 401 -20.98 5.04 4.51
C PRO A 401 -20.31 5.07 5.90
N VAL A 402 -19.60 4.01 6.21
CA VAL A 402 -18.88 3.87 7.44
C VAL A 402 -17.46 3.64 7.07
N ILE A 403 -16.57 4.42 7.71
CA ILE A 403 -15.15 4.33 7.46
C ILE A 403 -14.47 3.70 8.65
N HIS A 404 -13.86 2.54 8.43
CA HIS A 404 -13.15 1.79 9.49
C HIS A 404 -11.67 1.88 9.31
N ILE A 405 -11.02 2.68 10.16
CA ILE A 405 -9.59 2.94 10.00
C ILE A 405 -8.79 1.86 10.72
N ILE A 406 -7.84 1.26 10.01
CA ILE A 406 -6.89 0.32 10.55
C ILE A 406 -5.53 0.74 10.05
N GLU A 407 -4.71 1.31 10.89
CA GLU A 407 -3.41 1.71 10.41
C GLU A 407 -2.59 0.51 9.93
N LYS A 408 -1.69 0.79 9.00
CA LYS A 408 -0.73 -0.20 8.51
C LYS A 408 0.04 -0.95 9.59
N THR A 409 0.47 -0.23 10.59
CA THR A 409 1.16 -0.76 11.78
C THR A 409 0.37 -1.93 12.31
N LEU A 410 -0.93 -1.81 12.40
CA LEU A 410 -1.72 -2.94 12.91
C LEU A 410 -1.97 -3.98 11.89
N ALA A 411 -2.23 -3.51 10.68
CA ALA A 411 -2.51 -4.41 9.58
C ALA A 411 -1.46 -5.47 9.36
N ASN A 412 -0.21 -5.09 9.43
CA ASN A 412 0.88 -5.99 9.10
C ASN A 412 1.55 -6.61 10.32
N ALA A 413 1.34 -6.04 11.47
CA ALA A 413 1.82 -6.66 12.68
C ALA A 413 0.94 -7.85 13.03
N TYR A 414 1.49 -8.77 13.82
CA TYR A 414 0.72 -9.95 14.21
C TYR A 414 0.92 -10.17 15.70
N SER A 415 -0.05 -10.81 16.31
CA SER A 415 0.11 -11.10 17.72
C SER A 415 -0.55 -12.40 18.09
N VAL A 416 -0.07 -12.90 19.22
CA VAL A 416 -0.65 -14.08 19.77
C VAL A 416 -1.60 -13.63 20.88
N PHE A 417 -2.85 -14.07 20.84
CA PHE A 417 -3.74 -13.78 21.94
C PHE A 417 -4.72 -14.97 22.12
N GLU A 418 -5.48 -14.93 23.20
CA GLU A 418 -6.51 -15.95 23.45
C GLU A 418 -7.69 -15.94 22.48
N GLU A 419 -7.91 -17.06 21.85
CA GLU A 419 -8.95 -17.23 20.90
C GLU A 419 -10.32 -16.75 21.38
N GLU A 420 -10.60 -16.89 22.67
CA GLU A 420 -11.92 -16.55 23.17
C GLU A 420 -12.24 -15.06 23.04
N LEU A 421 -11.19 -14.23 23.01
CA LEU A 421 -11.41 -12.80 22.81
C LEU A 421 -12.16 -12.48 21.54
N ILE A 422 -12.16 -13.34 20.54
CA ILE A 422 -12.93 -13.11 19.34
C ILE A 422 -14.01 -14.14 19.08
N THR A 423 -14.28 -15.01 20.07
CA THR A 423 -15.37 -16.03 19.90
C THR A 423 -16.37 -16.11 21.04
N ASN A 424 -15.99 -15.46 22.13
CA ASN A 424 -16.69 -15.55 23.37
C ASN A 424 -18.00 -14.77 23.33
N ARG A 425 -18.18 -13.75 22.53
CA ARG A 425 -19.51 -13.19 22.44
C ARG A 425 -20.27 -13.37 21.17
N PRO A 426 -21.60 -13.14 21.24
CA PRO A 426 -22.43 -13.36 20.09
C PRO A 426 -22.01 -12.45 18.94
N TYR A 427 -22.07 -13.00 17.72
CA TYR A 427 -21.89 -12.22 16.52
C TYR A 427 -23.24 -11.63 16.09
N VAL A 428 -23.50 -10.42 16.51
CA VAL A 428 -24.77 -9.72 16.28
C VAL A 428 -24.79 -9.02 14.94
N ILE A 429 -25.87 -9.25 14.20
CA ILE A 429 -26.16 -8.65 12.94
C ILE A 429 -27.51 -7.92 13.04
N GLU A 430 -27.46 -6.61 13.06
CA GLU A 430 -28.63 -5.78 13.08
C GLU A 430 -28.79 -5.18 11.65
N ARG A 431 -29.89 -5.50 10.96
CA ARG A 431 -30.11 -5.05 9.56
C ARG A 431 -30.81 -3.67 9.42
N GLY A 432 -31.15 -3.05 10.54
CA GLY A 432 -31.80 -1.72 10.55
C GLY A 432 -33.25 -1.80 10.00
N LYS A 433 -33.70 -0.69 9.43
CA LYS A 433 -35.09 -0.45 9.13
C LYS A 433 -35.55 -1.04 7.79
N ILE A 434 -35.42 -2.36 7.71
CA ILE A 434 -35.78 -3.13 6.50
C ILE A 434 -37.20 -3.66 6.56
N VAL A 435 -37.89 -3.57 5.45
CA VAL A 435 -39.29 -3.92 5.40
C VAL A 435 -39.61 -4.62 4.08
N LYS A 436 -40.77 -5.28 4.06
CA LYS A 436 -41.34 -5.96 2.89
C LYS A 436 -42.30 -4.95 2.22
N PRO A 437 -42.02 -4.52 0.97
CA PRO A 437 -42.99 -3.59 0.32
C PRO A 437 -44.35 -4.24 0.08
N THR A 438 -45.40 -3.44 0.28
CA THR A 438 -46.78 -3.95 0.16
C THR A 438 -47.39 -3.67 -1.24
N SER A 439 -46.61 -3.09 -2.17
CA SER A 439 -47.07 -2.96 -3.56
C SER A 439 -45.89 -2.91 -4.54
N ASP A 440 -46.19 -2.64 -5.82
CA ASP A 440 -45.21 -2.64 -6.91
C ASP A 440 -44.24 -1.45 -6.89
N TYR A 441 -44.67 -0.34 -6.27
CA TYR A 441 -43.95 0.93 -6.15
C TYR A 441 -43.71 1.23 -4.66
N PHE A 442 -42.43 1.42 -4.32
CA PHE A 442 -41.99 1.74 -2.97
C PHE A 442 -41.22 3.10 -2.98
N ASN A 443 -41.67 4.03 -2.14
CA ASN A 443 -40.96 5.25 -1.83
C ASN A 443 -39.76 5.00 -0.90
N ARG A 444 -38.56 4.95 -1.51
CA ARG A 444 -37.30 4.62 -0.81
C ARG A 444 -36.86 5.63 0.26
N PHE A 445 -37.16 6.92 0.04
CA PHE A 445 -36.72 7.99 0.93
C PHE A 445 -37.83 8.67 1.73
N GLU A 446 -38.73 7.90 2.34
CA GLU A 446 -39.74 8.49 3.26
C GLU A 446 -39.11 9.33 4.34
N VAL A 447 -39.62 10.56 4.49
CA VAL A 447 -39.18 11.50 5.51
C VAL A 447 -39.83 11.21 6.86
N THR A 448 -38.99 10.71 7.77
CA THR A 448 -39.31 10.41 9.16
C THR A 448 -38.54 11.35 10.14
N GLU A 449 -39.02 11.39 11.37
CA GLU A 449 -38.43 12.17 12.47
C GLU A 449 -36.96 11.80 12.82
N ASP A 450 -36.62 10.52 12.80
CA ASP A 450 -35.21 10.07 13.12
C ASP A 450 -34.16 10.13 11.93
N GLY A 451 -34.69 10.49 10.76
CA GLY A 451 -33.93 10.62 9.47
C GLY A 451 -33.79 9.36 8.60
N ILE A 452 -34.06 8.21 9.19
CA ILE A 452 -33.82 6.88 8.63
C ILE A 452 -35.09 6.42 7.90
N SER A 453 -35.01 6.34 6.57
CA SER A 453 -36.10 5.95 5.74
C SER A 453 -36.19 4.42 5.67
N PRO A 454 -37.43 3.86 5.72
CA PRO A 454 -37.60 2.40 5.46
C PRO A 454 -36.92 1.96 4.13
N ARG A 455 -36.24 0.84 4.21
CA ARG A 455 -35.38 0.30 3.13
C ARG A 455 -35.95 -1.06 2.55
N VAL A 456 -35.84 -1.14 1.23
CA VAL A 456 -36.20 -2.27 0.43
C VAL A 456 -35.02 -2.47 -0.57
N PHE A 457 -34.87 -3.69 -1.07
CA PHE A 457 -33.76 -4.07 -2.00
C PHE A 457 -34.24 -4.14 -3.45
N LEU A 458 -33.31 -3.95 -4.40
CA LEU A 458 -33.64 -4.10 -5.83
C LEU A 458 -34.23 -5.45 -6.05
N GLY A 459 -35.25 -5.50 -6.90
CA GLY A 459 -35.94 -6.76 -7.17
C GLY A 459 -37.22 -6.96 -6.35
N GLN A 460 -37.36 -6.25 -5.20
CA GLN A 460 -38.57 -6.37 -4.32
C GLN A 460 -39.73 -5.45 -4.70
N ALA A 461 -39.37 -4.29 -5.28
CA ALA A 461 -40.34 -3.30 -5.72
C ALA A 461 -39.57 -2.27 -6.55
N SER A 462 -40.32 -1.51 -7.35
CA SER A 462 -39.83 -0.36 -8.07
C SER A 462 -39.30 0.71 -7.09
N ILE A 463 -37.98 0.93 -7.13
CA ILE A 463 -37.35 2.03 -6.38
C ILE A 463 -36.44 2.83 -7.31
N PHE A 464 -36.10 4.05 -6.88
CA PHE A 464 -35.22 4.98 -7.62
C PHE A 464 -34.17 5.61 -6.74
N TYR A 465 -32.96 5.62 -7.29
CA TYR A 465 -31.85 6.28 -6.67
C TYR A 465 -31.37 7.26 -7.73
N THR A 466 -30.85 8.39 -7.25
CA THR A 466 -30.30 9.37 -8.12
C THR A 466 -29.26 10.17 -7.38
N GLY A 467 -28.18 10.56 -8.09
CA GLY A 467 -27.20 11.48 -7.51
C GLY A 467 -27.77 12.86 -7.26
N ASP A 468 -28.79 13.24 -8.03
CA ASP A 468 -29.44 14.59 -7.87
C ASP A 468 -30.21 14.63 -6.56
N GLU A 469 -30.48 15.85 -6.07
CA GLU A 469 -31.47 15.99 -5.00
C GLU A 469 -32.84 15.35 -5.45
N HIS A 470 -33.53 14.74 -4.51
CA HIS A 470 -34.72 13.92 -4.85
C HIS A 470 -35.81 14.00 -3.82
N ASN A 471 -37.03 13.66 -4.26
CA ASN A 471 -38.15 13.50 -3.32
C ASN A 471 -38.18 12.06 -2.69
N GLU A 472 -39.23 11.79 -1.90
CA GLU A 472 -39.48 10.49 -1.24
C GLU A 472 -39.54 9.30 -2.23
N GLU A 473 -39.90 9.56 -3.49
CA GLU A 473 -39.95 8.48 -4.51
C GLU A 473 -38.57 8.20 -5.18
N GLY A 474 -37.54 9.02 -4.89
CA GLY A 474 -36.28 8.94 -5.63
C GLY A 474 -36.26 9.64 -7.00
N HIS A 475 -37.20 10.56 -7.27
CA HIS A 475 -37.20 11.28 -8.56
C HIS A 475 -36.56 12.65 -8.37
N ILE A 476 -35.96 13.16 -9.45
CA ILE A 476 -35.14 14.38 -9.41
C ILE A 476 -36.07 15.51 -9.05
N THR A 477 -35.71 16.24 -7.98
CA THR A 477 -36.56 17.31 -7.44
C THR A 477 -35.67 18.45 -6.98
N GLU A 478 -35.87 19.64 -7.57
CA GLU A 478 -35.12 20.87 -7.20
C GLU A 478 -35.88 21.79 -6.22
N ASN A 479 -37.17 21.52 -6.05
CA ASN A 479 -38.05 22.30 -5.11
C ASN A 479 -37.39 22.65 -3.81
N SER A 480 -37.41 23.92 -3.43
CA SER A 480 -36.69 24.37 -2.22
C SER A 480 -37.12 23.70 -0.91
N ILE A 481 -38.43 23.56 -0.72
CA ILE A 481 -38.96 22.94 0.50
C ILE A 481 -38.69 21.42 0.58
N ASN A 482 -38.85 20.69 -0.53
CA ASN A 482 -38.39 19.26 -0.52
C ASN A 482 -36.87 19.16 -0.15
N ARG A 483 -36.09 20.07 -0.74
CA ARG A 483 -34.66 20.10 -0.56
C ARG A 483 -34.43 20.31 0.91
N MET A 484 -35.09 21.33 1.49
CA MET A 484 -34.86 21.60 2.90
C MET A 484 -35.04 20.35 3.73
N LYS A 485 -36.16 19.63 3.50
CA LYS A 485 -36.56 18.46 4.29
C LYS A 485 -35.64 17.25 4.09
N MET A 486 -35.36 16.97 2.84
CA MET A 486 -34.60 15.75 2.48
C MET A 486 -33.14 15.94 2.94
N TYR A 487 -32.57 17.16 2.79
CA TYR A 487 -31.21 17.42 3.18
C TYR A 487 -31.07 17.36 4.67
N GLU A 488 -32.00 17.94 5.37
CA GLU A 488 -32.03 17.71 6.82
C GLU A 488 -32.25 16.28 7.28
N LYS A 489 -33.17 15.58 6.64
CA LYS A 489 -33.47 14.21 7.05
C LYS A 489 -32.13 13.42 7.06
N ARG A 490 -31.34 13.53 5.98
CA ARG A 490 -30.13 12.74 5.91
C ARG A 490 -29.17 13.08 7.03
N ASN A 491 -29.06 14.36 7.37
CA ASN A 491 -28.08 14.76 8.38
C ASN A 491 -28.59 14.49 9.73
N LYS A 492 -29.91 14.42 9.89
CA LYS A 492 -30.48 14.07 11.19
C LYS A 492 -30.13 12.66 11.62
N LYS A 493 -29.84 11.79 10.67
CA LYS A 493 -29.42 10.43 11.03
C LYS A 493 -28.22 10.43 11.94
N LEU A 494 -27.34 11.42 11.82
CA LEU A 494 -26.15 11.45 12.66
C LEU A 494 -26.48 11.83 14.06
N GLU A 495 -27.44 12.74 14.20
CA GLU A 495 -27.90 13.12 15.53
C GLU A 495 -28.59 11.88 16.19
N THR A 496 -29.35 11.12 15.43
CA THR A 496 -29.99 9.92 15.96
C THR A 496 -28.88 8.97 16.38
N ALA A 497 -27.84 8.85 15.56
CA ALA A 497 -26.76 7.95 15.92
C ALA A 497 -26.14 8.39 17.22
N ASP A 498 -25.95 9.69 17.35
CA ASP A 498 -25.29 10.25 18.49
C ASP A 498 -26.15 10.05 19.77
N LYS A 499 -27.48 10.06 19.65
CA LYS A 499 -28.36 9.71 20.78
C LYS A 499 -28.35 8.22 21.01
N GLU A 500 -28.30 7.38 19.97
CA GLU A 500 -28.39 5.94 20.16
C GLU A 500 -27.14 5.16 20.58
N ILE A 501 -25.97 5.62 20.19
CA ILE A 501 -24.74 4.89 20.46
C ILE A 501 -24.22 5.40 21.82
N PRO A 502 -24.06 4.51 22.82
CA PRO A 502 -23.55 5.06 24.06
C PRO A 502 -22.19 5.67 23.88
N GLU A 503 -21.95 6.83 24.47
CA GLU A 503 -20.64 7.45 24.36
C GLU A 503 -19.52 6.59 24.91
N GLU A 504 -19.81 5.77 25.92
CA GLU A 504 -18.84 4.85 26.54
C GLU A 504 -18.33 3.81 25.56
N GLN A 505 -19.14 3.43 24.58
CA GLN A 505 -18.61 2.54 23.53
C GLN A 505 -17.63 3.27 22.51
N ARG A 506 -17.60 4.62 22.51
CA ARG A 506 -16.80 5.41 21.59
C ARG A 506 -15.40 5.73 22.06
N VAL A 507 -15.08 5.40 23.32
CA VAL A 507 -13.77 5.65 23.95
C VAL A 507 -13.41 4.44 24.78
N ASN A 508 -12.10 4.18 24.95
CA ASN A 508 -11.59 3.31 26.02
C ASN A 508 -10.84 4.23 26.98
N ILE A 509 -11.19 4.12 28.27
CA ILE A 509 -10.53 4.90 29.37
C ILE A 509 -9.85 3.90 30.29
N VAL A 510 -8.57 4.10 30.55
CA VAL A 510 -7.84 3.23 31.42
C VAL A 510 -7.09 4.13 32.39
N GLY A 511 -7.35 3.88 33.67
CA GLY A 511 -6.75 4.63 34.79
C GLY A 511 -7.66 5.78 35.17
N ASP A 512 -7.18 6.54 36.13
CA ASP A 512 -7.88 7.67 36.64
C ASP A 512 -6.77 8.51 37.23
N ALA A 513 -6.30 9.51 36.50
CA ALA A 513 -5.12 10.29 36.94
C ALA A 513 -5.13 11.66 36.33
N ASP A 514 -4.28 12.52 36.80
CA ASP A 514 -4.31 13.91 36.39
C ASP A 514 -3.66 14.16 35.05
N ILE A 515 -2.80 13.24 34.66
CA ILE A 515 -2.09 13.30 33.38
C ILE A 515 -2.82 12.38 32.42
N VAL A 516 -3.37 12.96 31.34
CA VAL A 516 -4.10 12.23 30.32
C VAL A 516 -3.23 12.01 29.09
N LEU A 517 -3.19 10.76 28.66
CA LEU A 517 -2.66 10.39 27.35
C LEU A 517 -3.87 10.24 26.39
N LEU A 518 -4.05 11.26 25.53
CA LEU A 518 -5.20 11.37 24.58
C LEU A 518 -4.70 10.86 23.27
N THR A 519 -5.32 9.79 22.81
CA THR A 519 -4.85 9.16 21.62
C THR A 519 -6.01 8.54 20.87
N TRP A 520 -5.63 7.89 19.77
CA TRP A 520 -6.52 7.02 19.02
C TRP A 520 -5.67 6.08 18.19
N GLY A 521 -6.26 4.97 17.77
CA GLY A 521 -5.55 3.99 16.99
C GLY A 521 -4.37 3.32 17.66
N SER A 522 -3.39 3.02 16.85
CA SER A 522 -2.33 2.12 17.20
C SER A 522 -1.43 2.48 18.37
N PRO A 523 -1.30 3.74 18.77
CA PRO A 523 -0.51 3.98 19.98
C PRO A 523 -1.08 3.42 21.28
N LYS A 524 -2.33 2.96 21.28
CA LYS A 524 -2.95 2.38 22.44
C LYS A 524 -2.01 1.44 23.19
N GLY A 525 -1.40 0.52 22.49
CA GLY A 525 -0.60 -0.52 23.11
C GLY A 525 0.59 0.02 23.83
N ALA A 526 1.36 0.83 23.10
CA ALA A 526 2.58 1.43 23.65
C ALA A 526 2.27 2.33 24.84
N ILE A 527 1.13 2.97 24.77
CA ILE A 527 0.71 3.82 25.86
C ILE A 527 0.37 3.02 27.10
N LEU A 528 -0.49 2.02 26.99
CA LEU A 528 -0.78 1.17 28.11
C LEU A 528 0.53 0.57 28.72
N ASP A 529 1.49 0.11 27.90
CA ASP A 529 2.73 -0.43 28.43
C ASP A 529 3.56 0.66 29.08
N ALA A 530 3.51 1.87 28.53
CA ALA A 530 4.15 2.98 29.16
C ALA A 530 3.56 3.38 30.48
N MET A 531 2.24 3.40 30.60
CA MET A 531 1.57 3.69 31.84
C MET A 531 1.98 2.74 33.00
N GLU A 532 2.07 1.44 32.73
CA GLU A 532 2.54 0.44 33.73
C GLU A 532 3.93 0.63 34.24
N GLU A 533 4.87 0.84 33.33
CA GLU A 533 6.23 1.26 33.70
C GLU A 533 6.31 2.52 34.53
N LEU A 534 5.58 3.56 34.11
CA LEU A 534 5.62 4.87 34.79
C LEU A 534 5.01 4.79 36.17
N SER A 535 3.98 3.96 36.33
CA SER A 535 3.26 3.76 37.56
C SER A 535 4.18 3.21 38.69
N LYS A 536 4.97 2.21 38.33
CA LYS A 536 6.08 1.67 39.16
C LYS A 536 7.13 2.69 39.61
N ASP A 537 7.14 3.87 39.02
CA ASP A 537 8.13 4.89 39.27
C ASP A 537 7.47 6.15 39.90
N GLY A 538 6.27 6.00 40.48
CA GLY A 538 5.48 7.16 41.01
C GLY A 538 4.56 7.95 40.05
N ILE A 539 4.81 7.86 38.73
CA ILE A 539 4.20 8.75 37.72
C ILE A 539 2.85 8.20 37.27
N LYS A 540 1.78 8.88 37.69
CA LYS A 540 0.43 8.36 37.52
C LYS A 540 -0.22 9.00 36.25
N THR A 541 -0.69 8.12 35.36
CA THR A 541 -1.27 8.54 34.06
C THR A 541 -2.55 7.79 33.74
N MET A 542 -3.38 8.39 32.89
CA MET A 542 -4.53 7.70 32.39
C MET A 542 -4.54 7.85 30.87
N MET A 543 -5.20 6.90 30.24
CA MET A 543 -5.31 6.87 28.78
C MET A 543 -6.73 7.15 28.46
N VAL A 544 -6.95 8.03 27.45
CA VAL A 544 -8.23 8.23 26.83
C VAL A 544 -8.04 7.99 25.31
N GLN A 545 -8.62 6.92 24.83
CA GLN A 545 -8.45 6.45 23.47
C GLN A 545 -9.81 6.53 22.80
N VAL A 546 -9.90 7.43 21.84
CA VAL A 546 -11.11 7.56 21.05
C VAL A 546 -11.15 6.49 20.00
N LYS A 547 -12.30 5.84 19.92
CA LYS A 547 -12.57 4.81 18.94
C LYS A 547 -13.54 5.34 17.84
N MET A 548 -14.54 6.17 18.19
CA MET A 548 -15.49 6.62 17.23
C MET A 548 -15.34 8.10 17.19
N PHE A 549 -14.89 8.64 16.05
CA PHE A 549 -14.71 10.06 15.89
C PHE A 549 -15.98 10.77 15.40
N ASN A 550 -16.93 10.03 14.83
CA ASN A 550 -18.17 10.63 14.26
C ASN A 550 -19.27 9.60 14.30
N PRO A 551 -20.33 9.82 15.06
CA PRO A 551 -20.52 10.95 15.98
C PRO A 551 -19.53 10.95 17.15
N TYR A 552 -19.04 12.14 17.50
CA TYR A 552 -17.95 12.31 18.40
C TYR A 552 -18.53 12.25 19.82
N PRO A 553 -17.87 11.56 20.77
CA PRO A 553 -18.38 11.52 22.17
C PRO A 553 -18.12 12.81 22.97
N LYS A 554 -18.74 13.87 22.52
CA LYS A 554 -18.56 15.21 23.02
C LYS A 554 -18.73 15.37 24.59
N ASN A 555 -19.82 14.84 25.11
CA ASN A 555 -20.19 15.03 26.55
C ASN A 555 -19.31 14.16 27.40
N LEU A 556 -19.10 12.91 26.98
CA LEU A 556 -18.20 12.08 27.74
C LEU A 556 -16.82 12.66 27.81
N MET A 557 -16.33 13.24 26.71
CA MET A 557 -14.99 13.76 26.69
C MET A 557 -14.86 14.99 27.58
N LYS A 558 -15.82 15.88 27.49
CA LYS A 558 -15.87 17.07 28.39
C LYS A 558 -15.83 16.67 29.90
N LYS A 559 -16.59 15.66 30.27
CA LYS A 559 -16.61 15.11 31.65
C LYS A 559 -15.26 14.51 32.11
N ILE A 560 -14.63 13.69 31.27
CA ILE A 560 -13.42 12.97 31.67
C ILE A 560 -12.29 13.92 31.68
N LEU A 561 -12.29 14.94 30.82
CA LEU A 561 -11.10 15.83 30.78
C LEU A 561 -11.19 17.07 31.66
N SER A 562 -12.31 17.31 32.33
CA SER A 562 -12.47 18.55 33.18
C SER A 562 -11.50 18.46 34.32
N GLY A 563 -10.81 19.57 34.49
CA GLY A 563 -9.92 19.73 35.61
C GLY A 563 -8.64 18.97 35.47
N LYS A 564 -8.38 18.39 34.29
CA LYS A 564 -7.09 17.76 34.09
C LYS A 564 -6.07 18.79 33.78
N SER A 565 -4.89 18.62 34.32
CA SER A 565 -3.86 19.64 34.15
C SER A 565 -2.93 19.32 32.96
N LYS A 566 -2.72 18.03 32.64
CA LYS A 566 -1.91 17.64 31.43
C LYS A 566 -2.75 16.77 30.51
N ILE A 567 -2.88 17.19 29.25
CA ILE A 567 -3.58 16.40 28.24
C ILE A 567 -2.60 16.28 27.12
N ILE A 568 -2.05 15.07 26.96
CA ILE A 568 -0.92 14.88 26.04
C ILE A 568 -1.45 14.05 24.89
N ALA A 569 -1.49 14.64 23.70
CA ALA A 569 -1.93 13.94 22.51
C ALA A 569 -0.78 13.16 21.93
N VAL A 570 -0.99 11.87 21.70
CA VAL A 570 -0.01 10.97 21.13
C VAL A 570 -0.60 10.37 19.81
N GLU A 571 -0.01 10.74 18.68
CA GLU A 571 -0.53 10.38 17.36
C GLU A 571 0.61 10.33 16.37
N ASN A 572 0.43 9.53 15.35
CA ASN A 572 1.36 9.41 14.24
C ASN A 572 1.03 10.38 13.10
N ASN A 573 1.06 11.66 13.43
CA ASN A 573 0.86 12.73 12.45
C ASN A 573 1.49 14.01 12.96
N TYR A 574 1.56 15.02 12.09
CA TYR A 574 2.13 16.27 12.42
C TYR A 574 1.21 17.25 13.10
N ASN A 575 -0.09 17.23 12.81
CA ASN A 575 -0.98 18.27 13.32
C ASN A 575 -1.87 17.78 14.50
N ALA A 576 -1.71 16.54 14.96
CA ALA A 576 -2.46 15.97 16.07
C ALA A 576 -3.96 16.12 15.76
N GLN A 577 -4.33 15.49 14.66
CA GLN A 577 -5.68 15.63 14.11
C GLN A 577 -6.76 15.16 15.07
N GLY A 578 -6.49 14.11 15.85
CA GLY A 578 -7.50 13.73 16.89
C GLY A 578 -7.73 14.79 17.96
N ALA A 579 -6.63 15.43 18.37
CA ALA A 579 -6.72 16.59 19.28
C ALA A 579 -7.46 17.72 18.63
N GLU A 580 -7.23 17.94 17.37
CA GLU A 580 -7.99 18.99 16.63
C GLU A 580 -9.51 18.73 16.59
N VAL A 581 -9.91 17.51 16.43
CA VAL A 581 -11.29 17.16 16.50
C VAL A 581 -11.90 17.36 17.89
N LEU A 582 -11.20 16.94 18.95
CA LEU A 582 -11.65 17.27 20.29
C LEU A 582 -11.88 18.75 20.45
N ALA A 583 -10.90 19.54 20.00
CA ALA A 583 -10.97 20.98 20.13
C ALA A 583 -12.19 21.55 19.37
N GLU A 584 -12.41 21.12 18.11
CA GLU A 584 -13.62 21.50 17.41
C GLU A 584 -14.93 21.16 18.17
N LYS A 585 -14.99 19.97 18.79
CA LYS A 585 -16.24 19.53 19.35
C LYS A 585 -16.50 20.08 20.79
N THR A 586 -15.45 20.35 21.54
CA THR A 586 -15.58 20.70 22.92
C THR A 586 -14.89 21.97 23.36
N GLY A 587 -13.95 22.52 22.60
CA GLY A 587 -13.18 23.64 23.14
C GLY A 587 -11.98 23.25 23.94
N ILE A 588 -11.74 21.94 24.15
CA ILE A 588 -10.60 21.53 24.97
C ILE A 588 -9.33 21.33 24.14
N PHE A 589 -8.24 22.02 24.49
CA PHE A 589 -6.97 21.95 23.77
C PHE A 589 -6.00 21.07 24.55
N ALA A 590 -5.32 20.16 23.87
CA ALA A 590 -4.30 19.40 24.50
C ALA A 590 -3.23 20.34 24.98
N THR A 591 -2.53 19.99 26.07
CA THR A 591 -1.45 20.86 26.60
C THR A 591 -0.10 20.59 25.92
N ASN A 592 0.12 19.35 25.51
CA ASN A 592 1.36 18.86 24.95
C ASN A 592 1.13 17.74 23.91
N TYR A 593 2.17 17.44 23.13
CA TYR A 593 2.05 16.50 22.07
C TYR A 593 3.25 15.55 22.06
N ILE A 594 3.00 14.30 21.71
CA ILE A 594 4.09 13.40 21.32
C ILE A 594 3.64 12.89 19.95
N LEU A 595 4.42 13.20 18.91
CA LEU A 595 4.02 12.99 17.50
C LEU A 595 5.06 12.19 16.77
N LYS A 596 4.65 11.35 15.83
CA LYS A 596 5.62 10.68 14.98
C LYS A 596 5.12 10.57 13.56
N TRP A 597 5.92 11.04 12.62
CA TRP A 597 5.50 11.01 11.24
C TRP A 597 6.49 10.32 10.31
N THR A 598 7.31 9.45 10.89
CA THR A 598 8.38 8.76 10.16
C THR A 598 7.95 7.44 9.61
N GLY A 599 6.74 7.01 9.96
CA GLY A 599 6.19 5.81 9.39
C GLY A 599 6.31 4.52 10.20
N ARG A 600 7.11 4.56 11.25
CA ARG A 600 7.41 3.33 12.01
C ARG A 600 6.62 3.34 13.32
N PRO A 601 6.29 2.16 13.84
CA PRO A 601 5.43 2.21 15.05
C PRO A 601 6.00 3.03 16.19
N ILE A 602 5.16 3.70 16.94
CA ILE A 602 5.62 4.35 18.16
C ILE A 602 5.97 3.23 19.21
N THR A 603 7.12 3.28 19.88
CA THR A 603 7.48 2.21 20.81
C THR A 603 7.09 2.56 22.24
N ARG A 604 6.97 1.54 23.09
CA ARG A 604 6.82 1.75 24.54
C ARG A 604 7.76 2.77 25.09
N GLU A 605 9.04 2.65 24.74
CA GLU A 605 10.07 3.59 25.32
C GLU A 605 9.94 5.00 24.81
N GLU A 606 9.52 5.16 23.53
CA GLU A 606 9.29 6.50 22.99
C GLU A 606 8.22 7.25 23.79
N VAL A 607 7.18 6.54 24.20
CA VAL A 607 6.11 7.13 25.01
C VAL A 607 6.63 7.48 26.44
N ILE A 608 7.26 6.50 27.10
CA ILE A 608 7.85 6.70 28.46
C ILE A 608 8.74 7.94 28.46
N GLU A 609 9.68 8.00 27.52
CA GLU A 609 10.65 9.09 27.51
C GLU A 609 10.01 10.38 27.11
N GLY A 610 9.00 10.34 26.22
CA GLY A 610 8.37 11.55 25.78
C GLY A 610 7.60 12.15 26.91
N ILE A 611 6.89 11.32 27.65
CA ILE A 611 6.15 11.82 28.81
C ILE A 611 7.13 12.39 29.88
N LYS A 612 8.27 11.72 30.12
CA LYS A 612 9.24 12.23 31.13
C LYS A 612 9.73 13.55 30.69
N LYS A 613 10.01 13.67 29.40
CA LYS A 613 10.46 14.91 28.85
C LYS A 613 9.40 16.06 28.99
N ILE A 614 8.12 15.74 28.93
CA ILE A 614 7.07 16.75 29.15
C ILE A 614 6.89 17.10 30.65
N LEU A 615 6.99 16.11 31.54
CA LEU A 615 6.85 16.43 32.98
C LEU A 615 8.06 17.20 33.47
N GLU A 616 9.23 16.90 32.94
CA GLU A 616 10.45 17.45 33.48
C GLU A 616 10.67 18.84 32.95
N ARG A 617 10.28 19.12 31.71
CA ARG A 617 10.54 20.46 31.14
C ARG A 617 9.44 21.10 30.32
N ASP A 618 8.21 20.62 30.46
CA ASP A 618 7.04 21.11 29.71
C ASP A 618 7.25 21.37 28.20
N GLU A 619 8.05 20.57 27.48
CA GLU A 619 8.14 20.91 26.05
C GLU A 619 6.87 20.56 25.29
N LYS A 620 6.56 21.41 24.34
CA LYS A 620 5.26 21.50 23.77
C LYS A 620 4.99 20.28 22.86
N ARG A 621 5.97 19.98 21.98
CA ARG A 621 5.88 18.94 20.99
C ARG A 621 7.10 18.04 21.06
N VAL A 622 6.91 16.77 21.46
CA VAL A 622 7.94 15.79 21.31
C VAL A 622 7.81 15.11 19.98
N VAL A 623 8.91 15.09 19.22
CA VAL A 623 8.97 14.53 17.94
C VAL A 623 9.80 13.24 17.92
N LEU A 624 9.17 12.15 17.55
CA LEU A 624 9.78 10.87 17.54
C LEU A 624 10.26 10.50 16.13
N TYR A 625 11.28 9.61 16.07
CA TYR A 625 11.85 9.18 14.77
C TYR A 625 12.52 7.79 14.65
N GLY A 626 12.36 6.95 15.68
CA GLY A 626 13.11 5.71 15.73
C GLY A 626 12.53 4.64 14.79
N GLY A 627 13.44 3.81 14.28
CA GLY A 627 13.14 2.65 13.46
C GLY A 627 13.74 2.81 12.04
N ALA A 628 14.42 1.78 11.58
CA ALA A 628 14.46 1.44 10.10
C ALA A 628 15.17 2.28 9.14
N ARG B 4 21.02 11.20 -0.87
CA ARG B 4 22.12 12.08 -1.40
C ARG B 4 22.55 11.53 -2.80
N LYS B 5 23.83 11.36 -3.14
CA LYS B 5 24.24 11.12 -4.56
C LYS B 5 23.81 9.73 -5.19
N PRO B 6 24.14 8.55 -4.56
CA PRO B 6 23.69 7.25 -5.21
C PRO B 6 22.14 7.00 -5.30
N VAL B 7 21.70 6.35 -6.38
CA VAL B 7 20.32 5.80 -6.43
C VAL B 7 20.52 4.30 -6.68
N PHE B 8 20.16 3.47 -5.69
CA PHE B 8 20.16 2.02 -5.86
C PHE B 8 19.09 1.61 -6.91
N VAL B 9 19.59 1.05 -8.02
CA VAL B 9 18.75 0.47 -9.11
C VAL B 9 18.22 -0.87 -8.55
N ASP B 10 16.97 -0.84 -8.08
CA ASP B 10 16.53 -1.88 -7.09
C ASP B 10 15.68 -3.01 -7.72
N TRP B 11 15.63 -3.02 -9.07
CA TRP B 11 14.86 -4.03 -9.81
C TRP B 11 15.46 -5.41 -9.56
N CYS B 12 14.61 -6.45 -9.64
CA CYS B 12 15.09 -7.85 -9.52
C CYS B 12 16.21 -8.13 -10.55
N PRO B 13 17.36 -8.77 -10.12
CA PRO B 13 18.36 -9.19 -11.15
C PRO B 13 17.68 -9.95 -12.31
N GLY B 14 18.06 -9.61 -13.55
CA GLY B 14 17.43 -10.23 -14.74
C GLY B 14 16.04 -9.70 -15.14
N CYS B 15 15.55 -8.65 -14.47
CA CYS B 15 14.30 -8.00 -14.92
C CYS B 15 14.46 -7.42 -16.37
N GLY B 16 13.46 -7.65 -17.22
CA GLY B 16 13.40 -6.97 -18.53
C GLY B 16 13.54 -5.45 -18.48
N ASP B 17 13.16 -4.81 -17.33
CA ASP B 17 13.29 -3.33 -17.21
C ASP B 17 14.73 -2.81 -17.48
N PHE B 18 15.75 -3.61 -17.18
CA PHE B 18 17.15 -3.25 -17.51
C PHE B 18 17.34 -3.00 -19.02
N GLY B 19 16.79 -3.89 -19.85
CA GLY B 19 16.81 -3.71 -21.32
C GLY B 19 16.13 -2.44 -21.81
N ILE B 20 14.98 -2.13 -21.23
CA ILE B 20 14.22 -0.95 -21.68
C ILE B 20 14.99 0.33 -21.33
N LEU B 21 15.45 0.42 -20.09
CA LEU B 21 16.30 1.51 -19.59
C LEU B 21 17.51 1.75 -20.55
N ARG B 22 18.21 0.65 -20.84
CA ARG B 22 19.42 0.69 -21.68
C ARG B 22 19.05 1.22 -23.07
N ALA B 23 17.97 0.66 -23.61
CA ALA B 23 17.47 1.08 -24.92
C ALA B 23 17.01 2.53 -24.99
N GLU B 24 16.33 2.97 -23.94
CA GLU B 24 15.78 4.36 -23.92
C GLU B 24 16.91 5.40 -23.81
N GLU B 25 17.90 5.11 -22.98
CA GLU B 25 19.09 5.97 -22.77
C GLU B 25 19.75 6.14 -24.13
N MET B 26 20.01 5.02 -24.77
CA MET B 26 20.72 5.01 -26.03
C MET B 26 19.92 5.74 -27.10
N ALA B 27 18.59 5.57 -27.12
CA ALA B 27 17.79 6.30 -28.11
C ALA B 27 18.00 7.81 -27.94
N ILE B 28 17.92 8.27 -26.69
CA ILE B 28 18.04 9.71 -26.41
C ILE B 28 19.42 10.25 -26.84
N ARG B 29 20.50 9.57 -26.47
CA ARG B 29 21.88 9.90 -26.90
C ARG B 29 22.00 9.96 -28.40
N GLU B 30 21.58 8.90 -29.08
CA GLU B 30 21.88 8.81 -30.49
C GLU B 30 21.14 9.84 -31.31
N LEU B 31 20.03 10.34 -30.76
CA LEU B 31 19.24 11.34 -31.47
C LEU B 31 19.87 12.73 -31.26
N GLY B 32 20.77 12.85 -30.28
CA GLY B 32 21.53 14.04 -30.04
C GLY B 32 20.75 15.11 -29.31
N ILE B 33 19.61 14.76 -28.73
CA ILE B 33 18.72 15.74 -28.14
C ILE B 33 19.40 16.20 -26.88
N ASN B 34 19.35 17.50 -26.61
CA ASN B 34 19.89 17.96 -25.34
C ASN B 34 19.13 17.32 -24.11
N PRO B 35 19.83 16.60 -23.25
CA PRO B 35 19.16 15.91 -22.17
C PRO B 35 18.38 16.79 -21.21
N LYS B 36 18.90 17.99 -20.91
CA LYS B 36 18.15 18.97 -20.11
C LYS B 36 16.71 19.20 -20.59
N SER B 37 16.50 19.07 -21.89
CA SER B 37 15.17 19.24 -22.48
C SER B 37 14.28 17.95 -22.49
N VAL B 38 14.80 16.82 -22.03
CA VAL B 38 14.04 15.59 -22.05
C VAL B 38 13.40 15.40 -20.68
N VAL B 39 12.09 15.19 -20.68
CA VAL B 39 11.35 14.83 -19.50
C VAL B 39 10.74 13.45 -19.66
N ILE B 40 11.11 12.54 -18.76
CA ILE B 40 10.53 11.20 -18.70
C ILE B 40 9.48 11.18 -17.62
N VAL B 41 8.23 11.01 -18.01
CA VAL B 41 7.08 11.00 -17.11
C VAL B 41 6.69 9.57 -16.89
N SER B 42 6.74 9.09 -15.64
CA SER B 42 6.51 7.67 -15.39
C SER B 42 5.40 7.38 -14.33
N GLY B 43 4.77 6.21 -14.44
CA GLY B 43 3.68 5.81 -13.55
C GLY B 43 4.14 5.13 -12.25
N ILE B 44 3.21 4.44 -11.61
CA ILE B 44 3.53 3.71 -10.41
C ILE B 44 3.61 2.21 -10.70
N GLY B 45 4.69 1.63 -10.21
CA GLY B 45 5.00 0.20 -10.34
C GLY B 45 6.54 0.11 -10.46
N CYS B 46 7.05 -1.12 -10.66
CA CYS B 46 8.49 -1.32 -10.99
C CYS B 46 8.90 -0.45 -12.20
N SER B 47 8.11 -0.56 -13.28
CA SER B 47 8.20 0.29 -14.48
C SER B 47 8.43 1.77 -14.18
N GLY B 48 7.55 2.29 -13.31
CA GLY B 48 7.49 3.68 -12.92
C GLY B 48 8.78 4.26 -12.32
N LYS B 49 9.63 3.42 -11.72
CA LYS B 49 10.92 3.85 -11.14
C LYS B 49 11.98 4.30 -12.18
N ILE B 50 11.74 4.00 -13.47
CA ILE B 50 12.75 4.17 -14.54
C ILE B 50 13.48 5.55 -14.68
N PRO B 51 12.75 6.71 -14.64
CA PRO B 51 13.55 7.97 -14.77
C PRO B 51 14.69 8.09 -13.71
N HIS B 52 14.36 7.75 -12.45
CA HIS B 52 15.30 7.74 -11.28
C HIS B 52 16.66 7.01 -11.54
N PHE B 53 16.61 6.00 -12.41
CA PHE B 53 17.75 5.13 -12.68
C PHE B 53 18.51 5.57 -13.93
N MET B 54 18.05 6.67 -14.55
CA MET B 54 18.69 7.13 -15.80
C MET B 54 20.09 7.72 -15.53
N ASN B 55 21.02 7.35 -16.41
CA ASN B 55 22.40 7.87 -16.39
C ASN B 55 22.48 9.40 -16.72
N LEU B 56 21.83 9.82 -17.80
CA LEU B 56 21.86 11.23 -18.34
C LEU B 56 21.19 12.30 -17.45
N PRO B 57 21.53 13.60 -17.68
CA PRO B 57 20.81 14.72 -16.99
C PRO B 57 19.38 15.00 -17.56
N ILE B 58 18.59 13.95 -17.79
CA ILE B 58 17.17 14.09 -18.14
C ILE B 58 16.45 14.47 -16.87
N SER B 59 15.23 14.94 -16.99
CA SER B 59 14.39 15.15 -15.80
C SER B 59 13.40 14.00 -15.68
N GLY B 60 13.07 13.64 -14.44
CA GLY B 60 12.01 12.67 -14.16
C GLY B 60 10.79 13.24 -13.44
N VAL B 61 9.61 12.82 -13.82
CA VAL B 61 8.45 13.24 -13.12
C VAL B 61 7.69 11.91 -12.84
N HIS B 62 7.82 11.43 -11.61
CA HIS B 62 7.20 10.16 -11.20
C HIS B 62 5.80 10.46 -10.64
N THR B 63 4.73 10.05 -11.32
CA THR B 63 3.42 10.63 -11.03
C THR B 63 2.51 9.81 -10.09
N LEU B 64 1.26 9.63 -10.52
CA LEU B 64 0.24 8.95 -9.78
C LEU B 64 -0.08 7.81 -10.65
N HIS B 65 -0.72 6.81 -10.04
CA HIS B 65 -1.03 5.54 -10.71
C HIS B 65 -2.06 5.77 -11.81
N GLY B 66 -1.59 5.62 -13.04
CA GLY B 66 -2.36 5.77 -14.27
C GLY B 66 -2.52 7.17 -14.77
N ARG B 67 -1.82 8.13 -14.17
CA ARG B 67 -2.03 9.52 -14.48
C ARG B 67 -0.84 10.17 -15.31
N SER B 68 0.18 9.39 -15.67
CA SER B 68 1.34 9.94 -16.40
C SER B 68 0.97 10.68 -17.65
N ILE B 69 -0.02 10.19 -18.41
CA ILE B 69 -0.39 10.84 -19.63
C ILE B 69 -1.00 12.20 -19.46
N ALA B 70 -1.84 12.35 -18.44
CA ALA B 70 -2.37 13.64 -18.11
C ALA B 70 -1.24 14.63 -17.69
N PHE B 71 -0.29 14.23 -16.83
CA PHE B 71 0.82 15.06 -16.47
C PHE B 71 1.60 15.46 -17.70
N ALA B 72 1.91 14.49 -18.51
CA ALA B 72 2.69 14.69 -19.73
C ALA B 72 2.05 15.67 -20.67
N THR B 73 0.76 15.59 -20.79
CA THR B 73 0.01 16.49 -21.61
C THR B 73 0.18 17.92 -21.09
N GLY B 74 0.07 18.14 -19.80
CA GLY B 74 0.21 19.50 -19.29
C GLY B 74 1.65 20.00 -19.53
N ILE B 75 2.63 19.14 -19.28
CA ILE B 75 4.00 19.49 -19.46
C ILE B 75 4.28 19.88 -20.94
N LYS B 76 3.85 19.03 -21.88
CA LYS B 76 4.19 19.21 -23.29
C LYS B 76 3.48 20.40 -23.86
N LEU B 77 2.23 20.61 -23.50
CA LEU B 77 1.52 21.69 -24.09
C LEU B 77 1.95 23.05 -23.55
N SER B 78 2.45 23.08 -22.30
CA SER B 78 2.94 24.30 -21.70
C SER B 78 4.32 24.68 -22.28
N ASN B 79 5.13 23.67 -22.53
CA ASN B 79 6.42 23.85 -23.13
C ASN B 79 6.70 22.80 -24.17
N PRO B 80 6.31 23.08 -25.41
CA PRO B 80 6.42 22.12 -26.45
C PRO B 80 7.81 21.89 -26.97
N SER B 81 8.77 22.72 -26.54
CA SER B 81 10.17 22.46 -26.82
C SER B 81 10.71 21.37 -25.97
N LEU B 82 9.99 20.92 -24.92
CA LEU B 82 10.47 19.75 -24.19
C LEU B 82 10.17 18.49 -25.01
N GLU B 83 11.06 17.50 -24.92
CA GLU B 83 10.85 16.20 -25.50
C GLU B 83 10.32 15.35 -24.36
N VAL B 84 9.03 15.00 -24.48
CA VAL B 84 8.31 14.37 -23.39
C VAL B 84 8.06 12.91 -23.75
N ILE B 85 8.57 12.01 -22.91
CA ILE B 85 8.42 10.60 -23.14
C ILE B 85 7.70 10.05 -21.88
N VAL B 86 6.78 9.14 -22.06
CA VAL B 86 6.00 8.60 -20.94
C VAL B 86 6.40 7.12 -20.79
N ASN B 87 6.78 6.69 -19.60
CA ASN B 87 7.01 5.25 -19.32
C ASN B 87 5.93 4.79 -18.33
N VAL B 88 5.01 3.95 -18.76
CA VAL B 88 4.07 3.36 -17.82
C VAL B 88 4.08 1.83 -17.84
N GLY B 89 3.72 1.24 -16.69
CA GLY B 89 3.46 -0.18 -16.53
C GLY B 89 2.20 -0.55 -17.32
N ASP B 90 1.98 -1.82 -17.62
CA ASP B 90 0.72 -2.25 -18.23
C ASP B 90 -0.52 -2.08 -17.29
N GLY B 91 -0.40 -2.39 -16.01
CA GLY B 91 -1.56 -2.12 -15.08
C GLY B 91 -1.90 -0.62 -15.00
N ASP B 92 -0.86 0.16 -14.74
CA ASP B 92 -0.92 1.63 -14.71
C ASP B 92 -1.50 2.21 -16.00
N GLY B 93 -0.88 1.87 -17.12
CA GLY B 93 -1.20 2.56 -18.36
C GLY B 93 -2.50 2.09 -18.97
N LEU B 94 -2.79 0.80 -18.81
CA LEU B 94 -3.91 0.16 -19.48
C LEU B 94 -5.04 -0.29 -18.54
N GLY B 95 -4.75 -0.29 -17.23
CA GLY B 95 -5.77 -0.58 -16.25
C GLY B 95 -6.38 0.72 -15.75
N ILE B 96 -5.86 1.22 -14.65
CA ILE B 96 -6.35 2.49 -14.11
C ILE B 96 -6.26 3.69 -15.07
N GLY B 97 -5.21 3.71 -15.91
CA GLY B 97 -5.01 4.83 -16.84
C GLY B 97 -5.69 4.69 -18.20
N MET B 98 -6.53 3.69 -18.36
CA MET B 98 -7.10 3.37 -19.65
C MET B 98 -7.78 4.53 -20.33
N GLY B 99 -8.59 5.26 -19.59
CA GLY B 99 -9.30 6.37 -20.14
C GLY B 99 -8.34 7.39 -20.71
N HIS B 100 -7.31 7.78 -19.96
CA HIS B 100 -6.37 8.80 -20.43
C HIS B 100 -5.53 8.27 -21.61
N PHE B 101 -5.25 6.97 -21.60
CA PHE B 101 -4.54 6.30 -22.72
C PHE B 101 -5.31 6.46 -24.01
N VAL B 102 -6.61 6.22 -23.96
CA VAL B 102 -7.38 6.40 -25.18
C VAL B 102 -7.60 7.81 -25.68
N HIS B 103 -7.74 8.75 -24.76
CA HIS B 103 -8.00 10.08 -25.10
C HIS B 103 -6.77 10.74 -25.66
N LEU B 104 -5.58 10.28 -25.32
CA LEU B 104 -4.36 10.80 -25.93
C LEU B 104 -4.42 10.60 -27.45
N GLY B 105 -4.89 9.43 -27.91
CA GLY B 105 -5.00 9.16 -29.34
C GLY B 105 -5.80 10.17 -30.13
N ARG B 106 -6.85 10.69 -29.52
CA ARG B 106 -7.71 11.71 -30.13
C ARG B 106 -7.01 13.06 -30.25
N ARG B 107 -6.02 13.31 -29.42
CA ARG B 107 -5.39 14.60 -29.40
C ARG B 107 -4.21 14.59 -30.31
N ASN B 108 -3.50 13.47 -30.42
CA ASN B 108 -2.31 13.37 -31.24
C ASN B 108 -1.28 14.38 -30.79
N ILE B 109 -1.04 14.47 -29.47
CA ILE B 109 0.01 15.30 -28.95
C ILE B 109 1.31 14.63 -29.28
N ASP B 110 2.34 15.41 -29.49
CA ASP B 110 3.66 14.87 -29.85
C ASP B 110 4.41 14.33 -28.63
N ILE B 111 4.14 13.10 -28.29
CA ILE B 111 4.66 12.45 -27.11
C ILE B 111 4.87 11.00 -27.52
N ALA B 112 5.77 10.31 -26.87
CA ALA B 112 5.89 8.89 -27.02
C ALA B 112 5.53 8.22 -25.72
N VAL B 113 4.79 7.13 -25.81
CA VAL B 113 4.31 6.39 -24.67
C VAL B 113 4.92 4.99 -24.81
N LEU B 114 5.65 4.55 -23.79
CA LEU B 114 6.31 3.24 -23.76
C LEU B 114 5.67 2.44 -22.68
N VAL B 115 4.97 1.36 -23.05
CA VAL B 115 4.28 0.54 -22.07
C VAL B 115 5.15 -0.66 -21.69
N HIS B 116 5.48 -0.80 -20.40
CA HIS B 116 6.19 -1.98 -19.88
C HIS B 116 5.21 -3.18 -19.68
N ASN B 117 5.14 -3.99 -20.70
CA ASN B 117 4.18 -5.09 -20.76
C ASN B 117 4.81 -6.43 -20.19
N ASN B 118 4.71 -6.59 -18.88
CA ASN B 118 5.19 -7.81 -18.17
C ASN B 118 4.06 -8.81 -17.83
N GLY B 119 2.83 -8.43 -18.11
CA GLY B 119 1.63 -9.26 -17.83
C GLY B 119 1.07 -9.21 -16.41
N VAL B 120 1.74 -8.47 -15.53
CA VAL B 120 1.48 -8.45 -14.09
C VAL B 120 1.67 -7.01 -13.49
N TYR B 121 1.21 -6.89 -12.25
CA TYR B 121 1.52 -5.78 -11.32
C TYR B 121 2.74 -6.24 -10.46
N GLY B 122 3.96 -6.06 -10.99
CA GLY B 122 5.25 -6.42 -10.32
C GLY B 122 5.33 -5.88 -8.91
N LEU B 123 5.13 -4.56 -8.79
CA LEU B 123 5.38 -3.89 -7.53
C LEU B 123 4.41 -4.29 -6.39
N THR B 124 3.17 -4.68 -6.70
CA THR B 124 2.20 -5.14 -5.64
C THR B 124 2.12 -6.70 -5.48
N LYS B 125 3.14 -7.39 -6.01
CA LYS B 125 3.39 -8.86 -5.85
C LYS B 125 2.68 -9.77 -6.93
N GLY B 126 2.41 -9.20 -8.11
CA GLY B 126 2.12 -9.99 -9.32
C GLY B 126 0.68 -10.44 -9.55
N GLN B 127 -0.28 -9.56 -9.22
CA GLN B 127 -1.70 -9.75 -9.66
C GLN B 127 -1.71 -9.65 -11.22
N ALA B 128 -2.66 -10.32 -11.89
CA ALA B 128 -2.80 -10.25 -13.38
C ALA B 128 -2.97 -8.79 -13.88
N SER B 129 -2.17 -8.40 -14.91
CA SER B 129 -2.37 -7.11 -15.55
C SER B 129 -3.45 -7.23 -16.63
N PRO B 130 -3.88 -6.08 -17.19
CA PRO B 130 -4.82 -6.14 -18.35
C PRO B 130 -4.32 -6.77 -19.67
N THR B 131 -3.02 -7.09 -19.76
CA THR B 131 -2.46 -7.82 -20.92
C THR B 131 -2.38 -9.36 -20.77
N LEU B 132 -2.52 -9.84 -19.52
CA LEU B 132 -2.52 -11.29 -19.24
C LEU B 132 -3.82 -11.94 -19.82
N HIS B 133 -3.64 -13.05 -20.55
CA HIS B 133 -4.80 -13.76 -21.19
C HIS B 133 -5.66 -14.44 -20.12
N ARG B 134 -6.96 -14.56 -20.39
CA ARG B 134 -7.89 -15.35 -19.54
C ARG B 134 -7.39 -16.82 -19.46
N GLY B 135 -7.47 -17.42 -18.26
CA GLY B 135 -7.06 -18.80 -18.04
C GLY B 135 -5.59 -18.92 -17.68
N GLU B 136 -4.79 -17.87 -17.92
CA GLU B 136 -3.35 -17.98 -17.61
C GLU B 136 -3.18 -18.00 -16.07
N LYS B 137 -2.27 -18.85 -15.58
CA LYS B 137 -1.97 -18.95 -14.14
C LYS B 137 -0.45 -18.87 -13.98
N THR B 138 0.03 -17.65 -13.70
CA THR B 138 1.42 -17.44 -13.26
C THR B 138 1.60 -18.01 -11.83
N LYS B 139 2.86 -18.23 -11.43
CA LYS B 139 3.20 -18.60 -10.02
C LYS B 139 2.61 -17.64 -8.92
N SER B 140 2.47 -16.35 -9.26
CA SER B 140 1.83 -15.33 -8.37
C SER B 140 0.25 -15.41 -8.21
N LEU B 141 -0.43 -16.16 -9.10
CA LEU B 141 -1.90 -16.24 -9.04
C LEU B 141 -2.39 -17.51 -8.33
N PRO B 142 -3.27 -17.34 -7.32
CA PRO B 142 -3.86 -18.55 -6.67
C PRO B 142 -4.77 -19.39 -7.63
N LYS B 143 -5.52 -18.71 -8.52
CA LYS B 143 -6.44 -19.31 -9.48
C LYS B 143 -6.15 -18.77 -10.89
N PRO B 144 -6.60 -19.48 -11.95
CA PRO B 144 -6.46 -18.90 -13.31
C PRO B 144 -7.10 -17.48 -13.47
N ASN B 145 -6.41 -16.63 -14.23
CA ASN B 145 -6.90 -15.28 -14.54
C ASN B 145 -8.38 -15.34 -15.04
N ILE B 146 -9.24 -14.64 -14.30
CA ILE B 146 -10.70 -14.57 -14.53
C ILE B 146 -11.03 -13.53 -15.70
N MET B 147 -10.02 -12.73 -16.09
CA MET B 147 -10.14 -11.62 -17.06
C MET B 147 -9.53 -11.92 -18.43
N ASP B 148 -10.28 -11.58 -19.48
CA ASP B 148 -9.65 -11.38 -20.80
C ASP B 148 -8.62 -10.23 -20.80
N ALA B 149 -7.64 -10.41 -21.67
CA ALA B 149 -6.61 -9.42 -21.93
C ALA B 149 -7.10 -8.35 -22.88
N VAL B 150 -6.51 -7.16 -22.77
CA VAL B 150 -6.68 -6.21 -23.88
C VAL B 150 -5.38 -6.12 -24.63
N ASN B 151 -5.56 -6.01 -25.92
CA ASN B 151 -4.52 -5.85 -26.85
C ASN B 151 -4.22 -4.32 -26.93
N PRO B 152 -3.12 -3.90 -26.33
CA PRO B 152 -2.73 -2.49 -26.29
C PRO B 152 -2.64 -1.92 -27.66
N LEU B 153 -2.16 -2.71 -28.63
CA LEU B 153 -2.00 -2.19 -30.00
C LEU B 153 -3.37 -1.97 -30.64
N ALA B 154 -4.29 -2.91 -30.45
CA ALA B 154 -5.65 -2.74 -31.03
C ALA B 154 -6.41 -1.56 -30.41
N VAL B 155 -6.32 -1.43 -29.09
CA VAL B 155 -6.95 -0.26 -28.38
C VAL B 155 -6.32 1.03 -28.86
N ALA B 156 -5.00 1.07 -28.98
CA ALA B 156 -4.32 2.24 -29.51
C ALA B 156 -4.73 2.60 -30.91
N LEU B 157 -4.79 1.62 -31.79
CA LEU B 157 -5.30 1.86 -33.16
C LEU B 157 -6.74 2.39 -33.16
N ALA B 158 -7.62 1.75 -32.41
CA ALA B 158 -9.03 2.23 -32.33
C ALA B 158 -9.12 3.63 -31.70
N ALA B 159 -8.19 3.97 -30.79
CA ALA B 159 -8.10 5.30 -30.19
C ALA B 159 -7.79 6.65 -30.93
N GLY B 160 -7.16 6.90 -32.06
CA GLY B 160 -6.24 6.27 -32.78
C GLY B 160 -4.94 7.07 -32.72
N TYR B 161 -4.05 6.42 -32.03
CA TYR B 161 -2.67 6.69 -32.08
C TYR B 161 -2.20 6.64 -33.53
N THR B 162 -1.27 7.52 -33.84
CA THR B 162 -0.79 7.69 -35.18
C THR B 162 0.54 6.98 -35.40
N PHE B 163 1.07 6.33 -34.37
CA PHE B 163 2.27 5.50 -34.49
C PHE B 163 2.05 4.42 -33.49
N VAL B 164 2.00 3.19 -33.98
CA VAL B 164 1.77 2.04 -33.08
C VAL B 164 2.83 0.96 -33.38
N ALA B 165 3.58 0.54 -32.36
CA ALA B 165 4.66 -0.41 -32.53
C ALA B 165 4.72 -1.31 -31.31
N ARG B 166 5.33 -2.46 -31.50
CA ARG B 166 5.64 -3.35 -30.40
C ARG B 166 7.12 -3.70 -30.40
N GLY B 167 7.76 -3.64 -29.25
CA GLY B 167 9.15 -4.01 -29.09
C GLY B 167 9.33 -5.19 -28.14
N TYR B 168 10.59 -5.59 -27.93
CA TYR B 168 10.93 -6.65 -27.04
C TYR B 168 12.17 -6.25 -26.20
N ALA B 169 12.09 -6.38 -24.87
CA ALA B 169 13.17 -5.87 -23.98
C ALA B 169 14.52 -6.61 -24.16
N TYR B 170 14.46 -7.81 -24.76
CA TYR B 170 15.66 -8.66 -24.97
C TYR B 170 16.13 -8.60 -26.41
N ASP B 171 15.65 -7.60 -27.16
CA ASP B 171 16.31 -7.19 -28.37
C ASP B 171 16.47 -5.69 -28.28
N VAL B 172 17.55 -5.34 -27.59
CA VAL B 172 17.82 -4.00 -27.22
C VAL B 172 18.06 -3.09 -28.41
N MET B 173 18.76 -3.60 -29.42
CA MET B 173 19.12 -2.74 -30.58
C MET B 173 17.83 -2.42 -31.33
N HIS B 174 17.00 -3.42 -31.52
CA HIS B 174 15.72 -3.23 -32.18
C HIS B 174 14.80 -2.21 -31.41
N LEU B 175 14.74 -2.40 -30.09
CA LEU B 175 13.92 -1.61 -29.20
C LEU B 175 14.39 -0.19 -29.23
N LYS B 176 15.69 -0.01 -29.07
CA LYS B 176 16.32 1.28 -29.23
C LYS B 176 15.86 1.98 -30.52
N GLU B 177 15.89 1.26 -31.63
CA GLU B 177 15.52 1.92 -32.92
C GLU B 177 14.03 2.25 -32.97
N LEU B 178 13.21 1.45 -32.31
CA LEU B 178 11.76 1.75 -32.22
C LEU B 178 11.48 2.98 -31.39
N ILE B 179 12.14 3.06 -30.24
CA ILE B 179 12.03 4.23 -29.38
C ILE B 179 12.43 5.54 -30.11
N LYS B 180 13.47 5.45 -30.93
CA LYS B 180 13.90 6.60 -31.71
C LYS B 180 12.84 6.99 -32.64
N LYS B 181 12.30 6.04 -33.36
CA LYS B 181 11.21 6.42 -34.27
C LYS B 181 9.93 6.90 -33.60
N ALA B 182 9.61 6.30 -32.46
CA ALA B 182 8.46 6.77 -31.69
C ALA B 182 8.69 8.23 -31.23
N ILE B 183 9.92 8.55 -30.80
CA ILE B 183 10.24 9.93 -30.39
C ILE B 183 10.14 10.90 -31.56
N LEU B 184 10.69 10.57 -32.72
CA LEU B 184 10.66 11.48 -33.86
C LEU B 184 9.32 11.61 -34.50
N HIS B 185 8.48 10.58 -34.39
CA HIS B 185 7.17 10.62 -34.97
C HIS B 185 6.45 11.88 -34.52
N LYS B 186 5.89 12.62 -35.48
CA LYS B 186 5.06 13.82 -35.24
C LYS B 186 3.63 13.47 -34.86
N GLY B 187 3.46 13.19 -33.56
CA GLY B 187 2.15 12.83 -33.02
C GLY B 187 2.31 11.84 -31.89
N SER B 188 1.22 11.21 -31.52
CA SER B 188 1.20 10.34 -30.33
C SER B 188 1.68 9.02 -30.77
N ALA B 189 2.67 8.47 -30.08
CA ALA B 189 3.23 7.20 -30.45
C ALA B 189 3.19 6.26 -29.32
N LEU B 190 2.81 5.01 -29.61
CA LEU B 190 2.85 3.92 -28.65
C LEU B 190 3.95 2.90 -29.03
N VAL B 191 4.73 2.50 -28.03
CA VAL B 191 5.53 1.30 -28.12
C VAL B 191 5.18 0.38 -26.98
N ASP B 192 4.47 -0.68 -27.31
CA ASP B 192 4.15 -1.72 -26.41
C ASP B 192 5.38 -2.63 -26.27
N ILE B 193 6.01 -2.67 -25.09
CA ILE B 193 7.26 -3.39 -24.96
C ILE B 193 7.05 -4.67 -24.17
N LEU B 194 7.31 -5.80 -24.82
CA LEU B 194 7.24 -7.13 -24.22
C LEU B 194 8.39 -7.25 -23.25
N GLN B 195 8.06 -7.48 -22.00
CA GLN B 195 9.05 -7.37 -20.99
C GLN B 195 8.95 -8.40 -19.88
N PRO B 196 9.81 -9.43 -19.92
CA PRO B 196 9.82 -10.41 -18.83
C PRO B 196 9.95 -9.83 -17.38
N CYS B 197 9.13 -10.40 -16.51
CA CYS B 197 9.22 -10.19 -15.08
C CYS B 197 9.60 -11.58 -14.58
N PRO B 198 10.91 -11.90 -14.42
CA PRO B 198 11.28 -13.28 -13.84
C PRO B 198 10.70 -13.62 -12.43
N THR B 199 10.33 -12.61 -11.63
CA THR B 199 9.90 -12.85 -10.23
C THR B 199 8.45 -13.41 -10.20
N TYR B 200 7.58 -12.74 -10.96
CA TYR B 200 6.16 -13.11 -11.18
C TYR B 200 6.03 -13.31 -12.72
N ASN B 201 5.10 -14.13 -13.16
CA ASN B 201 5.16 -14.47 -14.63
C ASN B 201 6.41 -15.33 -15.04
N ASP B 202 6.31 -16.58 -14.63
CA ASP B 202 7.12 -17.72 -15.10
C ASP B 202 6.54 -18.39 -16.39
N ILE B 203 5.51 -17.76 -17.00
CA ILE B 203 4.95 -18.19 -18.34
C ILE B 203 5.72 -17.50 -19.52
N ASN B 204 5.48 -16.18 -19.60
CA ASN B 204 5.95 -15.27 -20.70
C ASN B 204 7.38 -14.79 -20.35
N THR B 205 8.30 -15.75 -20.40
CA THR B 205 9.69 -15.59 -19.98
C THR B 205 10.48 -15.15 -21.18
N LYS B 206 11.74 -14.81 -20.92
CA LYS B 206 12.74 -14.62 -21.97
C LYS B 206 12.78 -15.76 -23.05
N GLU B 207 12.87 -17.02 -22.60
CA GLU B 207 12.99 -18.15 -23.56
C GLU B 207 11.71 -18.34 -24.39
N TRP B 208 10.57 -18.10 -23.72
CA TRP B 208 9.24 -18.16 -24.39
C TRP B 208 9.14 -17.17 -25.57
N TYR B 209 9.63 -15.95 -25.35
CA TYR B 209 9.56 -14.90 -26.37
C TYR B 209 10.60 -15.12 -27.44
N ASP B 210 11.86 -15.40 -27.04
CA ASP B 210 13.00 -15.60 -27.98
C ASP B 210 12.54 -16.50 -29.11
N LYS B 211 11.84 -17.55 -28.70
CA LYS B 211 11.28 -18.58 -29.59
C LYS B 211 10.20 -18.14 -30.58
N ARG B 212 9.52 -17.03 -30.27
CA ARG B 212 8.28 -16.66 -31.00
C ARG B 212 8.33 -15.37 -31.80
N VAL B 213 9.14 -14.40 -31.38
CA VAL B 213 9.12 -13.03 -31.95
C VAL B 213 9.77 -13.06 -33.33
N TYR B 214 9.12 -12.39 -34.28
CA TYR B 214 9.72 -12.06 -35.56
C TYR B 214 9.48 -10.59 -35.90
N LYS B 215 10.40 -10.01 -36.67
CA LYS B 215 10.38 -8.62 -37.06
C LYS B 215 9.58 -8.35 -38.30
N LEU B 216 8.65 -7.41 -38.21
CA LEU B 216 7.91 -6.93 -39.39
C LEU B 216 8.85 -6.23 -40.36
N ASP B 217 9.92 -5.67 -39.83
CA ASP B 217 11.04 -5.12 -40.62
C ASP B 217 11.59 -6.18 -41.64
N ASN B 218 11.51 -7.49 -41.30
CA ASN B 218 12.07 -8.58 -42.18
C ASN B 218 10.97 -9.15 -43.08
N VAL B 219 9.82 -8.47 -43.16
CA VAL B 219 8.73 -8.91 -44.02
C VAL B 219 8.77 -8.13 -45.30
N PRO B 220 9.17 -8.77 -46.45
CA PRO B 220 9.30 -8.00 -47.69
C PRO B 220 8.03 -7.26 -48.03
N GLY B 221 8.16 -5.97 -48.41
CA GLY B 221 7.00 -5.14 -48.74
C GLY B 221 6.09 -4.70 -47.55
N TRP B 222 6.42 -5.07 -46.30
CA TRP B 222 5.63 -4.54 -45.15
C TRP B 222 5.97 -3.05 -45.04
N ASP B 223 4.97 -2.22 -45.33
CA ASP B 223 5.13 -0.77 -45.27
C ASP B 223 3.98 -0.16 -44.43
N PRO B 224 4.29 0.22 -43.16
CA PRO B 224 3.19 0.69 -42.31
C PRO B 224 3.00 2.22 -42.36
N VAL B 225 3.75 2.92 -43.21
CA VAL B 225 3.78 4.37 -43.29
C VAL B 225 2.71 4.87 -44.23
N VAL B 226 1.76 5.68 -43.74
CA VAL B 226 0.76 6.35 -44.58
C VAL B 226 1.44 7.55 -45.22
N ARG B 227 1.50 7.60 -46.56
CA ARG B 227 2.10 8.76 -47.31
C ARG B 227 1.07 9.64 -48.03
N LYS B 228 -0.13 9.13 -48.23
CA LYS B 228 -1.19 9.89 -48.83
C LYS B 228 -2.43 9.45 -48.16
N GLU B 229 -3.39 10.35 -48.05
CA GLU B 229 -4.65 10.10 -47.34
C GLU B 229 -5.39 8.86 -47.76
N GLU B 230 -5.39 8.56 -49.05
CA GLU B 230 -6.11 7.37 -49.58
C GLU B 230 -5.48 6.02 -49.12
N GLU B 231 -4.18 6.02 -48.79
CA GLU B 231 -3.53 4.84 -48.19
C GLU B 231 -4.01 4.51 -46.77
N ALA B 232 -4.59 5.50 -46.09
CA ALA B 232 -4.74 5.43 -44.63
C ALA B 232 -5.59 4.27 -44.18
N GLN B 233 -6.71 4.02 -44.85
CA GLN B 233 -7.61 2.95 -44.38
C GLN B 233 -6.99 1.55 -44.51
N LYS B 234 -6.32 1.30 -45.64
CA LYS B 234 -5.72 0.00 -45.90
C LYS B 234 -4.57 -0.23 -44.91
N LYS B 235 -3.77 0.82 -44.66
CA LYS B 235 -2.65 0.71 -43.74
C LYS B 235 -3.15 0.43 -42.35
N PHE B 236 -4.23 1.09 -41.98
CA PHE B 236 -4.87 0.88 -40.65
C PHE B 236 -5.42 -0.54 -40.47
N GLU B 237 -6.18 -1.04 -41.44
CA GLU B 237 -6.71 -2.44 -41.39
C GLU B 237 -5.60 -3.50 -41.41
N GLN B 238 -4.54 -3.23 -42.18
CA GLN B 238 -3.38 -4.16 -42.19
C GLN B 238 -2.72 -4.12 -40.77
N ALA B 239 -2.76 -2.96 -40.10
CA ALA B 239 -2.20 -2.88 -38.74
C ALA B 239 -3.02 -3.66 -37.76
N ILE B 240 -4.33 -3.45 -37.83
CA ILE B 240 -5.28 -4.21 -36.97
C ILE B 240 -5.13 -5.73 -37.01
N MET B 241 -5.06 -6.27 -38.23
CA MET B 241 -4.96 -7.72 -38.49
C MET B 241 -3.74 -8.26 -37.84
N LYS B 242 -2.61 -7.63 -38.17
CA LYS B 242 -1.35 -8.02 -37.60
C LYS B 242 -1.31 -7.94 -36.10
N SER B 243 -1.96 -6.94 -35.54
CA SER B 243 -1.91 -6.77 -34.09
C SER B 243 -2.52 -7.93 -33.33
N TYR B 244 -3.38 -8.74 -33.95
CA TYR B 244 -3.88 -9.95 -33.27
C TYR B 244 -3.07 -11.25 -33.42
N GLU B 245 -1.96 -11.25 -34.15
CA GLU B 245 -1.16 -12.48 -34.32
C GLU B 245 -0.55 -12.76 -32.99
N TRP B 246 -0.76 -13.97 -32.45
CA TRP B 246 -0.20 -14.21 -31.14
C TRP B 246 0.48 -15.55 -30.91
N GLY B 247 -0.17 -16.71 -30.97
CA GLY B 247 0.50 -17.96 -30.42
C GLY B 247 1.98 -18.30 -30.77
N GLU B 248 2.19 -19.13 -31.77
CA GLU B 248 3.55 -19.50 -32.18
C GLU B 248 4.37 -18.32 -32.76
N LYS B 249 3.70 -17.43 -33.50
CA LYS B 249 4.35 -16.21 -34.08
C LYS B 249 3.86 -14.91 -33.41
N ILE B 250 4.82 -14.06 -33.01
CA ILE B 250 4.52 -12.78 -32.40
C ILE B 250 5.25 -11.67 -33.14
N PRO B 251 4.53 -10.86 -33.93
CA PRO B 251 5.23 -9.76 -34.59
C PRO B 251 5.67 -8.56 -33.70
N ILE B 252 6.80 -7.99 -34.04
CA ILE B 252 7.48 -6.90 -33.36
C ILE B 252 7.89 -5.92 -34.45
N GLY B 253 7.94 -4.62 -34.14
CA GLY B 253 8.12 -3.61 -35.16
C GLY B 253 6.99 -2.58 -35.20
N ILE B 254 6.96 -1.81 -36.29
CA ILE B 254 5.99 -0.78 -36.50
C ILE B 254 4.78 -1.28 -37.21
N PHE B 255 3.62 -1.18 -36.58
CA PHE B 255 2.38 -1.60 -37.19
C PHE B 255 1.73 -0.55 -38.03
N TYR B 256 1.92 0.73 -37.68
CA TYR B 256 1.19 1.82 -38.34
C TYR B 256 1.86 3.11 -38.02
N GLN B 257 1.96 3.99 -38.99
CA GLN B 257 2.49 5.33 -38.82
C GLN B 257 1.83 6.25 -39.79
N ASN B 258 1.18 7.32 -39.29
CA ASN B 258 0.59 8.33 -40.15
C ASN B 258 0.93 9.70 -39.62
N GLU B 259 1.93 10.34 -40.22
CA GLU B 259 2.32 11.71 -39.88
C GLU B 259 1.54 12.79 -40.62
N LEU B 260 0.50 12.41 -41.35
CA LEU B 260 -0.34 13.38 -42.01
C LEU B 260 -1.43 13.99 -41.10
N VAL B 261 -1.72 13.37 -39.95
CA VAL B 261 -2.78 13.89 -39.07
C VAL B 261 -2.14 15.09 -38.33
N PRO B 262 -2.80 16.24 -38.33
CA PRO B 262 -2.28 17.32 -37.46
C PRO B 262 -2.06 16.97 -35.98
N THR B 263 -0.98 17.44 -35.38
CA THR B 263 -0.78 17.29 -33.95
C THR B 263 -1.65 18.25 -33.17
N PHE B 264 -1.80 17.98 -31.89
CA PHE B 264 -2.63 18.87 -31.03
C PHE B 264 -1.98 20.24 -31.08
N GLU B 265 -0.64 20.28 -31.03
CA GLU B 265 0.12 21.51 -31.11
C GLU B 265 -0.20 22.24 -32.45
N ASP B 266 -0.32 21.51 -33.58
CA ASP B 266 -0.74 22.13 -34.85
C ASP B 266 -2.15 22.73 -34.69
N ARG B 267 -3.05 22.05 -33.99
CA ARG B 267 -4.40 22.60 -33.84
C ARG B 267 -4.40 23.80 -32.90
N LEU B 268 -3.59 23.79 -31.86
CA LEU B 268 -3.50 24.96 -30.99
C LEU B 268 -3.04 26.17 -31.79
N THR B 269 -2.08 25.96 -32.70
CA THR B 269 -1.52 27.04 -33.51
C THR B 269 -2.59 27.74 -34.37
N SER B 270 -3.61 27.03 -34.80
CA SER B 270 -4.75 27.67 -35.45
C SER B 270 -5.48 28.69 -34.60
N ASN B 271 -5.51 28.49 -33.27
CA ASN B 271 -6.23 29.41 -32.38
C ASN B 271 -5.29 30.37 -31.69
N ILE B 272 -4.01 30.00 -31.58
CA ILE B 272 -3.00 30.79 -30.93
C ILE B 272 -1.87 30.90 -31.91
N PRO B 273 -1.82 32.01 -32.73
CA PRO B 273 -0.98 31.92 -33.95
C PRO B 273 0.51 31.92 -33.74
N ASN B 274 0.92 32.50 -32.64
CA ASN B 274 2.34 32.49 -32.26
C ASN B 274 2.67 31.42 -31.17
N TYR B 275 1.80 30.42 -30.93
CA TYR B 275 2.10 29.33 -29.91
C TYR B 275 3.50 28.74 -30.00
N ARG B 276 3.95 28.41 -31.21
CA ARG B 276 5.31 27.77 -31.33
C ARG B 276 6.44 28.70 -30.93
N GLU B 277 6.24 30.01 -31.11
CA GLU B 277 7.28 31.03 -30.77
C GLU B 277 7.15 31.61 -29.33
N TYR B 278 5.96 31.55 -28.75
CA TYR B 278 5.73 32.22 -27.46
C TYR B 278 4.73 31.41 -26.63
N TYR B 279 5.05 30.12 -26.50
CA TYR B 279 4.30 29.16 -25.71
C TYR B 279 4.29 29.53 -24.21
N PRO B 280 3.27 29.02 -23.46
CA PRO B 280 3.10 29.44 -22.10
C PRO B 280 4.34 29.55 -21.28
N ALA B 281 5.21 28.54 -21.33
CA ALA B 281 6.37 28.52 -20.48
C ALA B 281 7.48 29.57 -20.80
N LYS B 282 7.43 30.15 -21.99
CA LYS B 282 8.44 31.14 -22.52
C LYS B 282 7.91 32.54 -22.16
N GLN B 283 6.65 32.67 -21.72
CA GLN B 283 6.04 34.01 -21.74
C GLN B 283 6.48 34.82 -20.55
N GLN B 284 6.59 36.12 -20.76
CA GLN B 284 7.02 37.00 -19.68
C GLN B 284 5.77 37.55 -19.06
N ILE B 285 5.45 37.16 -17.86
CA ILE B 285 4.20 37.56 -17.25
C ILE B 285 4.36 38.74 -16.28
N GLU B 286 5.58 39.10 -15.93
CA GLU B 286 5.72 40.28 -15.06
C GLU B 286 7.03 40.97 -15.34
N ILE B 287 7.09 42.27 -15.00
CA ILE B 287 8.28 43.11 -15.04
C ILE B 287 8.30 43.80 -13.66
N ASN B 288 9.36 43.53 -12.90
CA ASN B 288 9.47 44.02 -11.55
C ASN B 288 8.21 43.81 -10.76
N GLY B 289 7.63 42.61 -10.89
CA GLY B 289 6.52 42.24 -10.02
C GLY B 289 5.18 42.88 -10.38
N ILE B 290 5.08 43.39 -11.61
CA ILE B 290 3.87 44.05 -12.05
C ILE B 290 3.51 43.29 -13.28
N SER B 291 2.24 42.91 -13.35
CA SER B 291 1.75 42.11 -14.47
C SER B 291 1.90 42.83 -15.80
N THR B 292 2.26 42.04 -16.75
CA THR B 292 2.43 42.46 -18.09
C THR B 292 1.18 42.19 -18.94
N THR B 293 0.13 41.58 -18.35
CA THR B 293 -1.08 41.20 -19.12
C THR B 293 -2.02 42.33 -19.16
N LYS B 294 -2.51 42.68 -20.34
CA LYS B 294 -3.48 43.74 -20.45
C LYS B 294 -4.88 43.13 -20.48
N ILE B 295 -5.76 43.55 -19.60
CA ILE B 295 -7.16 43.15 -19.63
C ILE B 295 -8.10 44.34 -19.88
N ASP B 296 -7.52 45.47 -20.24
CA ASP B 296 -8.24 46.69 -20.67
C ASP B 296 -9.37 46.45 -21.59
N GLU B 297 -9.12 45.82 -22.73
CA GLU B 297 -10.21 45.57 -23.72
C GLU B 297 -11.32 44.66 -23.16
N LEU B 298 -10.91 43.69 -22.34
CA LEU B 298 -11.86 42.78 -21.67
C LEU B 298 -12.77 43.60 -20.79
N ILE B 299 -12.19 44.50 -20.02
CA ILE B 299 -12.99 45.29 -19.11
C ILE B 299 -13.85 46.24 -19.93
N LYS B 300 -13.27 46.90 -20.91
CA LYS B 300 -14.05 47.83 -21.82
C LYS B 300 -15.30 47.18 -22.40
N ALA B 301 -15.19 45.92 -22.82
CA ALA B 301 -16.38 45.24 -23.37
C ALA B 301 -17.53 45.17 -22.37
N LYS B 302 -17.26 45.28 -21.05
CA LYS B 302 -18.35 45.21 -20.05
C LYS B 302 -18.93 46.54 -19.59
N ARG B 303 -18.49 47.63 -20.22
CA ARG B 303 -18.90 49.00 -19.79
C ARG B 303 -20.35 49.26 -19.94
N ILE B 304 -20.91 50.06 -19.04
CA ILE B 304 -22.31 50.52 -19.20
C ILE B 304 -22.39 51.78 -20.10
FE1 SF4 C . 11.15 -7.70 -10.13
FE2 SF4 C . 9.27 -5.69 -10.67
FE3 SF4 C . 8.96 -8.31 -11.96
FE4 SF4 C . 11.08 -6.52 -12.69
S1 SF4 C . 8.94 -6.27 -12.74
S2 SF4 C . 11.08 -8.59 -12.05
S3 SF4 C . 11.40 -5.66 -10.74
S4 SF4 C . 9.02 -7.70 -9.91
N1' TPP D . -4.25 2.73 -6.34
C2' TPP D . -3.83 3.99 -6.54
CM2 TPP D . -4.84 5.05 -6.86
N3' TPP D . -2.50 4.30 -6.45
C4' TPP D . -1.56 3.38 -6.15
N4' TPP D . -0.28 3.80 -6.07
C5' TPP D . -2.01 1.94 -6.00
C6' TPP D . -3.38 1.73 -6.09
C7' TPP D . -1.08 0.78 -5.69
N3 TPP D . -0.24 0.33 -6.84
C2 TPP D . 1.01 0.79 -7.04
S1 TPP D . 1.91 0.16 -8.42
C5 TPP D . 0.51 -0.84 -8.75
C4 TPP D . -0.56 -0.63 -7.77
CM4 TPP D . -1.79 -1.45 -7.88
C6 TPP D . 0.49 -1.82 -9.91
C7 TPP D . 1.74 -1.80 -10.77
O7 TPP D . 1.58 -2.63 -11.93
PA TPP D . 2.06 -2.09 -13.42
O1A TPP D . 1.77 -3.27 -14.33
O2A TPP D . 1.45 -0.68 -13.64
O3A TPP D . 3.68 -1.75 -13.18
PB TPP D . 4.78 -2.91 -12.86
O1B TPP D . 5.06 -2.99 -11.31
O2B TPP D . 5.96 -2.43 -13.75
O3B TPP D . 4.30 -4.35 -13.23
MG MG E . 3.25 -4.21 -15.34
#